data_3OJA
#
_entry.id   3OJA
#
_cell.length_a   109.890
_cell.length_b   110.890
_cell.length_c   168.330
_cell.angle_alpha   90.000
_cell.angle_beta   90.000
_cell.angle_gamma   90.000
#
_symmetry.space_group_name_H-M   'P 21 21 21'
#
loop_
_entity.id
_entity.type
_entity.pdbx_description
1 polymer 'Leucine-rich Immune Molecule 1'
2 polymer 'Anopheles Plasmodium-responsive Leucine-rich repeat protein 1'
3 branched 2-acetamido-2-deoxy-beta-D-glucopyranose-(1-4)-2-acetamido-2-deoxy-beta-D-glucopyranose
4 branched alpha-D-mannopyranose-(1-3)-alpha-D-mannopyranose-(1-6)-[alpha-D-mannopyranose-(1-3)]alpha-D-mannopyranose-(1-4)-2-acetamido-2-deoxy-beta-D-glucopyranose-(1-4)-2-acetamido-2-deoxy-beta-D-glucopyranose
5 non-polymer 2-acetamido-2-deoxy-beta-D-glucopyranose
6 water water
#
loop_
_entity_poly.entity_id
_entity_poly.type
_entity_poly.pdbx_seq_one_letter_code
_entity_poly.pdbx_strand_id
1 'polypeptide(L)'
;AIHEIKQNGNRYKIEKVTDSSLKQALASLRQSAWNVKELDLSGNPLSQISAADLAPFTKLELLNLSSNVLYETLDLESLS
TLRTLDLNNNYVQELLVGPSIETLHAANNNISRVSCSRGQGKKNIYLANNKITMLRDLDEGCRSRVQYLDLKLNEIDTVN
FAELAASSDTLEHLNLQYNFIYDVKGQVVFAKLKTLDLSSNKLAFMGPEFQSAAGVTWISLRNNKLVLIEKALRFSQNLE
HFDLRGNGFHCGTLRDFFSKNQRVQTVAKQTVKKLTGQNEEECTVPTLGHYGAYCCEDLPAPFADRLIALKRKEHALLSG
QGSETERLECERENQARQREIDALKEQYRTVIDQVTLRKQAKITLEQKKKALDEQVSNGRRAHAELDGTLQQAVGQIELQ
HATEEQSPLQLLRAIVKRYEEMYVEQQSVQNNAIRDWDMYQHKETQLAEENARLKKLNGEADLALASANATLQELVVREQ
NLASQLG
;
A
2 'polypeptide(L)'
;VGGQQRYNVKPRQPEYKCIDSNLQYDCVFYDVHIDMQTQDVYFGFEDITLNNQKIVTFKNSTMRKLPAALLDSFRQVELL
NLNDLQIEEIDTYAFAYAHTIQKLYMGFNAIRYLPPHVFQNVPLLTVLVLERNDLSSLPRGIFHNTPKLTTLSMSNNNLE
RIEDDTFQATTSLQNLQLSSNRLTHVDLSLIPSLFHANVSYNLLSTLAIPIAVEELDASHNSINVVRGPVNVELTILKLQ
HNNLTDTAWLLNYPGLVEVDLSYNELEKIMYHPFVKMQRLERLYISNNRLVALNLYGQPIPTLKVLDLSHNHLLHVERNQ
PQFDRLENLYLDHNSIVTLKLSTHHTLKNLTLSHNDWDCNSLRALFRNVARPAVDDADQHCKIDYQLEHGLCCKESDKPY
LDRLLQYIALTSVVEKVQRAQGRCSATDTINSVQSLSHYITQQGGVPLQGNEQLEAEVNELRAEVQQLTNEQIQQEQLLQ
GLHAEIDTNLRRYRLPKDGLARSSDNLNKVFTHLKERQAFKLRETQARRTEADAKQKETEDLEQENIALEKQLDNKRAKQ
AELRQETSLKRQKVKQLEAKKNRNPDTRRVSHHHHHH
;
B
#
# COMPACT_ATOMS: atom_id res chain seq x y z
N ALA A 1 -4.71 -68.01 -18.26
CA ALA A 1 -5.21 -67.38 -19.49
C ALA A 1 -6.73 -67.08 -19.47
N ILE A 2 -7.10 -65.99 -18.80
CA ILE A 2 -8.46 -65.51 -18.89
C ILE A 2 -8.57 -64.50 -20.09
N HIS A 3 -7.45 -64.20 -20.76
CA HIS A 3 -7.49 -63.23 -21.84
C HIS A 3 -7.64 -63.83 -23.27
N GLU A 4 -8.30 -63.09 -24.16
CA GLU A 4 -8.63 -63.55 -25.51
C GLU A 4 -7.97 -62.71 -26.56
N ILE A 5 -7.34 -63.35 -27.55
CA ILE A 5 -6.69 -62.62 -28.63
C ILE A 5 -7.39 -62.89 -29.93
N LYS A 6 -8.29 -62.02 -30.35
CA LYS A 6 -9.05 -62.19 -31.59
C LYS A 6 -8.23 -61.75 -32.78
N GLN A 7 -8.22 -62.48 -33.90
CA GLN A 7 -7.52 -62.02 -35.11
C GLN A 7 -8.50 -61.76 -36.27
N ASN A 8 -8.31 -60.75 -37.09
CA ASN A 8 -9.17 -60.58 -38.27
C ASN A 8 -8.20 -60.12 -39.35
N GLY A 9 -7.61 -61.06 -40.08
CA GLY A 9 -6.69 -60.68 -41.13
C GLY A 9 -5.32 -60.37 -40.58
N ASN A 10 -4.90 -59.12 -40.61
CA ASN A 10 -3.66 -58.77 -39.91
C ASN A 10 -3.92 -57.72 -38.85
N ARG A 11 -5.15 -57.64 -38.35
CA ARG A 11 -5.51 -56.78 -37.21
C ARG A 11 -5.79 -57.62 -35.93
N TYR A 12 -5.00 -57.45 -34.88
CA TYR A 12 -5.24 -58.23 -33.71
C TYR A 12 -5.96 -57.44 -32.59
N LYS A 13 -6.82 -58.08 -31.81
CA LYS A 13 -7.44 -57.38 -30.71
C LYS A 13 -7.30 -58.20 -29.41
N ILE A 14 -6.85 -57.61 -28.29
CA ILE A 14 -6.69 -58.39 -27.07
C ILE A 14 -7.65 -57.92 -26.04
N GLU A 15 -8.38 -58.84 -25.41
CA GLU A 15 -9.42 -58.51 -24.43
C GLU A 15 -9.27 -59.24 -23.15
N LYS A 16 -9.90 -58.69 -22.10
CA LYS A 16 -9.75 -59.19 -20.73
C LYS A 16 -8.27 -59.40 -20.34
N VAL A 17 -7.38 -58.50 -20.77
CA VAL A 17 -5.98 -58.59 -20.38
C VAL A 17 -5.70 -57.57 -19.27
N THR A 18 -4.69 -57.77 -18.44
CA THR A 18 -4.41 -56.84 -17.34
C THR A 18 -2.93 -56.61 -17.26
N ASP A 19 -2.50 -55.69 -16.40
CA ASP A 19 -1.09 -55.32 -16.37
C ASP A 19 -0.20 -56.50 -16.12
N SER A 20 -0.69 -57.41 -15.27
CA SER A 20 0.12 -58.55 -14.85
C SER A 20 0.06 -59.66 -15.91
N SER A 21 -0.95 -59.62 -16.81
CA SER A 21 -1.01 -60.61 -17.88
C SER A 21 -0.59 -60.12 -19.28
N LEU A 22 -0.39 -58.84 -19.51
CA LEU A 22 -0.18 -58.36 -20.87
C LEU A 22 1.11 -58.84 -21.51
N LYS A 23 2.16 -59.09 -20.71
CA LYS A 23 3.44 -59.44 -21.31
C LYS A 23 3.35 -60.85 -21.91
N GLN A 24 2.64 -61.73 -21.21
CA GLN A 24 2.30 -63.07 -21.69
C GLN A 24 1.48 -62.98 -22.99
N ALA A 25 0.41 -62.19 -22.93
CA ALA A 25 -0.42 -61.95 -24.07
C ALA A 25 0.47 -61.58 -25.24
N LEU A 26 1.35 -60.62 -25.09
CA LEU A 26 2.14 -60.24 -26.26
C LEU A 26 3.08 -61.34 -26.73
N ALA A 27 3.73 -62.04 -25.81
CA ALA A 27 4.63 -63.13 -26.17
C ALA A 27 3.93 -64.18 -27.08
N SER A 28 2.67 -64.48 -26.78
CA SER A 28 1.96 -65.48 -27.55
C SER A 28 1.62 -64.99 -28.97
N LEU A 29 2.21 -63.86 -29.39
CA LEU A 29 2.05 -63.36 -30.75
C LEU A 29 3.40 -63.25 -31.43
N ARG A 30 4.46 -63.66 -30.76
CA ARG A 30 5.78 -63.47 -31.36
C ARG A 30 5.94 -64.42 -32.54
N GLN A 31 5.28 -65.56 -32.42
CA GLN A 31 5.22 -66.56 -33.48
C GLN A 31 4.69 -65.95 -34.73
N SER A 32 3.69 -65.06 -34.55
CA SER A 32 2.98 -64.40 -35.64
C SER A 32 3.33 -62.92 -35.90
N ALA A 33 4.46 -62.47 -35.38
CA ALA A 33 4.79 -61.06 -35.41
C ALA A 33 4.72 -60.46 -36.80
N TRP A 34 5.30 -61.12 -37.78
CA TRP A 34 5.30 -60.59 -39.11
C TRP A 34 3.87 -60.07 -39.50
N ASN A 35 2.82 -60.65 -38.91
CA ASN A 35 1.43 -60.44 -39.36
C ASN A 35 0.66 -59.45 -38.45
N VAL A 36 1.30 -58.94 -37.41
CA VAL A 36 0.61 -57.98 -36.53
C VAL A 36 0.75 -56.56 -37.07
N LYS A 37 -0.24 -56.13 -37.83
CA LYS A 37 -0.19 -54.84 -38.48
C LYS A 37 -0.96 -53.81 -37.65
N GLU A 38 -2.00 -54.23 -36.96
CA GLU A 38 -2.77 -53.35 -36.09
C GLU A 38 -2.91 -54.13 -34.84
N LEU A 39 -2.83 -53.49 -33.70
CA LEU A 39 -2.97 -54.17 -32.44
C LEU A 39 -3.91 -53.29 -31.64
N ASP A 40 -4.94 -53.85 -31.07
CA ASP A 40 -5.94 -53.04 -30.44
C ASP A 40 -6.11 -53.55 -29.00
N LEU A 41 -5.78 -52.71 -28.01
CA LEU A 41 -5.84 -53.07 -26.61
C LEU A 41 -6.92 -52.30 -25.89
N SER A 42 -7.82 -51.69 -26.62
CA SER A 42 -8.68 -50.71 -26.01
C SER A 42 -9.60 -51.30 -25.00
N GLY A 43 -10.18 -50.46 -24.15
CA GLY A 43 -11.10 -50.94 -23.14
C GLY A 43 -10.59 -52.04 -22.21
N ASN A 44 -9.35 -51.97 -21.74
CA ASN A 44 -8.88 -52.87 -20.66
C ASN A 44 -8.53 -52.07 -19.38
N PRO A 45 -7.94 -52.70 -18.36
CA PRO A 45 -7.41 -51.98 -17.19
C PRO A 45 -5.91 -51.83 -17.25
N LEU A 46 -5.32 -51.74 -18.43
CA LEU A 46 -3.87 -51.55 -18.51
C LEU A 46 -3.48 -50.16 -17.95
N SER A 47 -2.35 -50.06 -17.29
CA SER A 47 -1.92 -48.79 -16.68
C SER A 47 -0.50 -48.44 -17.07
N GLN A 48 0.22 -49.40 -17.65
CA GLN A 48 1.56 -49.16 -18.18
C GLN A 48 1.75 -49.83 -19.56
N ILE A 49 2.71 -49.38 -20.36
CA ILE A 49 2.98 -50.08 -21.61
C ILE A 49 4.44 -50.12 -21.87
N SER A 50 4.95 -51.34 -22.06
CA SER A 50 6.35 -51.56 -22.32
C SER A 50 6.69 -51.41 -23.80
N ALA A 51 7.11 -50.24 -24.22
CA ALA A 51 7.67 -50.10 -25.57
C ALA A 51 8.53 -51.33 -25.99
N ALA A 52 9.33 -51.88 -25.08
CA ALA A 52 10.26 -52.93 -25.49
C ALA A 52 9.54 -54.25 -25.75
N ASP A 53 8.50 -54.53 -24.98
CA ASP A 53 7.64 -55.69 -25.22
C ASP A 53 6.97 -55.66 -26.59
N LEU A 54 6.83 -54.49 -27.18
CA LEU A 54 6.17 -54.38 -28.47
C LEU A 54 7.18 -54.22 -29.59
N ALA A 55 8.48 -54.16 -29.32
CA ALA A 55 9.40 -53.87 -30.40
C ALA A 55 9.60 -55.04 -31.42
N PRO A 56 9.24 -56.28 -31.04
CA PRO A 56 9.28 -57.39 -31.99
C PRO A 56 8.30 -57.24 -33.14
N PHE A 57 7.21 -56.52 -32.93
CA PHE A 57 6.20 -56.40 -33.96
C PHE A 57 6.59 -55.32 -34.91
N THR A 58 7.50 -55.62 -35.81
CA THR A 58 8.18 -54.59 -36.58
C THR A 58 7.39 -54.13 -37.76
N LYS A 59 6.16 -54.64 -37.86
CA LYS A 59 5.30 -54.30 -38.97
C LYS A 59 4.08 -53.57 -38.43
N LEU A 60 4.09 -53.40 -37.10
CA LEU A 60 2.98 -52.82 -36.36
C LEU A 60 2.76 -51.39 -36.74
N GLU A 61 1.55 -51.15 -37.21
CA GLU A 61 1.31 -49.94 -37.92
C GLU A 61 0.22 -49.10 -37.21
N LEU A 62 -0.61 -49.75 -36.38
CA LEU A 62 -1.63 -49.08 -35.62
C LEU A 62 -1.76 -49.69 -34.23
N LEU A 63 -1.80 -48.86 -33.19
CA LEU A 63 -1.85 -49.35 -31.84
C LEU A 63 -2.91 -48.51 -31.19
N ASN A 64 -3.90 -49.17 -30.60
CA ASN A 64 -5.03 -48.49 -30.06
C ASN A 64 -5.02 -48.82 -28.56
N LEU A 65 -4.73 -47.79 -27.71
CA LEU A 65 -4.67 -47.98 -26.29
C LEU A 65 -5.83 -47.26 -25.66
N SER A 66 -6.82 -46.91 -26.45
CA SER A 66 -7.95 -46.07 -26.05
C SER A 66 -8.70 -46.59 -24.84
N SER A 67 -9.16 -45.68 -24.00
CA SER A 67 -9.98 -46.05 -22.84
C SER A 67 -9.36 -47.15 -21.99
N ASN A 68 -8.07 -47.09 -21.73
CA ASN A 68 -7.53 -47.83 -20.59
C ASN A 68 -7.41 -46.93 -19.32
N VAL A 69 -6.54 -47.29 -18.41
CA VAL A 69 -6.21 -46.36 -17.33
C VAL A 69 -4.73 -46.15 -17.28
N LEU A 70 -4.11 -45.84 -18.42
CA LEU A 70 -2.70 -45.48 -18.45
C LEU A 70 -2.38 -44.17 -17.66
N TYR A 71 -1.29 -44.15 -16.89
CA TYR A 71 -0.82 -42.96 -16.16
C TYR A 71 0.64 -42.64 -16.51
N GLU A 72 1.11 -41.49 -16.02
CA GLU A 72 2.53 -41.09 -16.10
C GLU A 72 3.09 -41.12 -17.51
N THR A 73 4.30 -41.56 -17.73
CA THR A 73 4.85 -41.47 -19.08
C THR A 73 4.43 -42.67 -19.98
N LEU A 74 4.04 -42.37 -21.21
CA LEU A 74 3.79 -43.38 -22.21
C LEU A 74 4.83 -43.16 -23.28
N ASP A 75 5.82 -44.07 -23.37
CA ASP A 75 6.99 -43.89 -24.26
C ASP A 75 7.04 -44.92 -25.39
N LEU A 76 6.85 -44.48 -26.63
CA LEU A 76 6.75 -45.40 -27.74
C LEU A 76 7.63 -44.89 -28.87
N GLU A 77 8.47 -43.92 -28.53
CA GLU A 77 9.53 -43.45 -29.38
C GLU A 77 10.16 -44.60 -30.12
N SER A 78 10.36 -45.72 -29.43
CA SER A 78 11.18 -46.77 -29.97
C SER A 78 10.49 -47.54 -31.10
N LEU A 79 9.14 -47.54 -31.13
CA LEU A 79 8.33 -48.17 -32.19
C LEU A 79 8.44 -47.42 -33.47
N SER A 80 9.49 -47.66 -34.22
CA SER A 80 9.77 -46.81 -35.33
C SER A 80 8.82 -47.04 -36.50
N THR A 81 7.97 -48.04 -36.46
CA THR A 81 7.10 -48.30 -37.62
C THR A 81 5.77 -47.71 -37.36
N LEU A 82 5.54 -47.35 -36.09
CA LEU A 82 4.23 -46.95 -35.64
C LEU A 82 3.65 -45.71 -36.38
N ARG A 83 2.44 -45.80 -36.90
CA ARG A 83 1.89 -44.68 -37.66
C ARG A 83 0.63 -44.04 -37.08
N THR A 84 -0.27 -44.85 -36.53
CA THR A 84 -1.48 -44.38 -35.89
C THR A 84 -1.48 -44.85 -34.45
N LEU A 85 -1.57 -43.94 -33.47
CA LEU A 85 -1.59 -44.28 -32.04
C LEU A 85 -2.84 -43.66 -31.48
N ASP A 86 -3.74 -44.43 -30.91
CA ASP A 86 -4.89 -43.89 -30.30
C ASP A 86 -4.80 -44.19 -28.79
N LEU A 87 -4.71 -43.13 -27.97
CA LEU A 87 -4.78 -43.27 -26.54
C LEU A 87 -5.83 -42.33 -25.92
N ASN A 88 -6.87 -42.01 -26.67
CA ASN A 88 -7.98 -41.27 -26.13
C ASN A 88 -8.43 -41.90 -24.81
N ASN A 89 -8.87 -41.07 -23.86
CA ASN A 89 -9.37 -41.51 -22.57
C ASN A 89 -8.38 -42.29 -21.71
N ASN A 90 -7.29 -41.67 -21.33
CA ASN A 90 -6.42 -42.19 -20.31
C ASN A 90 -5.99 -41.04 -19.38
N TYR A 91 -4.83 -41.16 -18.80
CA TYR A 91 -4.40 -40.17 -17.83
C TYR A 91 -2.95 -40.03 -18.05
N VAL A 92 -2.50 -40.14 -19.30
CA VAL A 92 -1.07 -40.03 -19.60
C VAL A 92 -0.65 -38.61 -19.29
N GLN A 93 0.60 -38.39 -18.90
CA GLN A 93 1.11 -37.04 -18.58
C GLN A 93 2.17 -36.56 -19.52
N GLU A 94 3.04 -37.45 -19.98
CA GLU A 94 3.98 -37.12 -21.06
C GLU A 94 3.95 -38.23 -22.09
N LEU A 95 4.15 -37.89 -23.36
CA LEU A 95 3.91 -38.83 -24.45
C LEU A 95 5.01 -38.72 -25.45
N LEU A 96 5.69 -39.81 -25.78
CA LEU A 96 6.73 -39.74 -26.81
C LEU A 96 6.47 -40.79 -27.89
N VAL A 97 6.44 -40.38 -29.14
CA VAL A 97 6.11 -41.26 -30.25
C VAL A 97 7.28 -41.20 -31.22
N GLY A 98 7.24 -42.07 -32.23
CA GLY A 98 8.37 -42.25 -33.13
C GLY A 98 8.25 -41.61 -34.49
N PRO A 99 9.26 -41.82 -35.36
CA PRO A 99 9.51 -41.14 -36.63
C PRO A 99 8.47 -41.40 -37.70
N SER A 100 7.55 -42.30 -37.44
CA SER A 100 6.57 -42.63 -38.47
C SER A 100 5.14 -42.11 -38.20
N ILE A 101 4.91 -41.54 -37.02
CA ILE A 101 3.58 -41.15 -36.59
C ILE A 101 2.96 -40.25 -37.62
N GLU A 102 1.80 -40.65 -38.17
CA GLU A 102 1.00 -39.84 -39.09
C GLU A 102 -0.23 -39.29 -38.34
N THR A 103 -0.82 -40.08 -37.44
CA THR A 103 -2.01 -39.62 -36.76
C THR A 103 -1.89 -39.98 -35.31
N LEU A 104 -2.22 -39.03 -34.45
CA LEU A 104 -1.96 -39.20 -33.04
C LEU A 104 -3.22 -38.77 -32.35
N HIS A 105 -4.02 -39.73 -31.89
CA HIS A 105 -5.26 -39.46 -31.17
C HIS A 105 -4.99 -39.53 -29.71
N ALA A 106 -5.02 -38.39 -29.03
CA ALA A 106 -4.75 -38.35 -27.58
C ALA A 106 -5.76 -37.50 -26.76
N ALA A 107 -6.96 -37.27 -27.22
CA ALA A 107 -7.91 -36.54 -26.46
C ALA A 107 -8.14 -37.13 -25.01
N ASN A 108 -8.67 -36.30 -24.11
CA ASN A 108 -8.99 -36.70 -22.75
C ASN A 108 -7.90 -37.42 -22.07
N ASN A 109 -6.78 -36.74 -21.91
CA ASN A 109 -5.73 -37.22 -21.05
C ASN A 109 -5.35 -36.17 -20.00
N ASN A 110 -4.16 -36.32 -19.41
CA ASN A 110 -3.59 -35.35 -18.51
C ASN A 110 -2.26 -34.86 -19.12
N ILE A 111 -2.23 -34.78 -20.43
CA ILE A 111 -0.99 -34.60 -21.13
C ILE A 111 -0.47 -33.18 -20.98
N SER A 112 0.82 -33.08 -20.67
CA SER A 112 1.48 -31.78 -20.66
C SER A 112 2.88 -31.75 -21.27
N ARG A 113 3.29 -32.77 -22.02
CA ARG A 113 4.51 -32.76 -22.85
C ARG A 113 4.31 -33.83 -23.91
N VAL A 114 4.87 -33.63 -25.09
CA VAL A 114 4.75 -34.60 -26.15
C VAL A 114 5.98 -34.49 -26.98
N SER A 115 6.66 -35.59 -27.26
CA SER A 115 7.82 -35.54 -28.12
C SER A 115 7.56 -36.41 -29.37
N CYS A 116 8.06 -35.98 -30.51
CA CYS A 116 7.91 -36.71 -31.74
C CYS A 116 9.22 -36.74 -32.46
N SER A 117 9.91 -37.87 -32.43
CA SER A 117 11.20 -38.04 -33.13
C SER A 117 11.11 -37.52 -34.55
N ARG A 118 12.23 -37.11 -35.14
CA ARG A 118 12.20 -36.39 -36.44
C ARG A 118 11.62 -37.24 -37.56
N GLY A 119 10.95 -36.64 -38.53
CA GLY A 119 10.33 -37.45 -39.54
C GLY A 119 9.89 -36.67 -40.76
N GLN A 120 9.53 -37.41 -41.80
CA GLN A 120 9.28 -36.87 -43.12
C GLN A 120 7.81 -36.67 -43.54
N GLY A 121 6.87 -37.31 -42.83
CA GLY A 121 5.48 -37.21 -43.22
C GLY A 121 4.79 -36.04 -42.56
N LYS A 122 3.59 -35.73 -43.02
CA LYS A 122 2.77 -34.81 -42.29
C LYS A 122 2.37 -35.48 -40.96
N LYS A 123 1.77 -34.76 -40.03
CA LYS A 123 1.20 -35.40 -38.82
C LYS A 123 -0.15 -34.78 -38.53
N ASN A 124 -1.16 -35.56 -38.19
CA ASN A 124 -2.35 -35.01 -37.63
C ASN A 124 -2.39 -35.24 -36.10
N ILE A 125 -2.28 -34.17 -35.29
CA ILE A 125 -2.25 -34.33 -33.83
C ILE A 125 -3.53 -33.88 -33.08
N TYR A 126 -4.16 -34.80 -32.31
CA TYR A 126 -5.41 -34.49 -31.65
C TYR A 126 -5.27 -34.49 -30.14
N LEU A 127 -5.38 -33.33 -29.50
CA LEU A 127 -5.00 -33.22 -28.11
C LEU A 127 -6.10 -32.54 -27.31
N ALA A 128 -7.31 -32.48 -27.82
CA ALA A 128 -8.38 -31.85 -27.07
C ALA A 128 -8.43 -32.37 -25.63
N ASN A 129 -8.69 -31.45 -24.68
CA ASN A 129 -8.82 -31.74 -23.23
C ASN A 129 -7.58 -32.32 -22.60
N ASN A 130 -6.48 -31.60 -22.70
CA ASN A 130 -5.30 -31.93 -21.93
C ASN A 130 -4.76 -30.72 -21.10
N LYS A 131 -3.46 -30.69 -20.83
CA LYS A 131 -2.92 -29.67 -19.93
C LYS A 131 -1.73 -29.06 -20.56
N ILE A 132 -1.73 -28.96 -21.88
CA ILE A 132 -0.67 -28.23 -22.56
C ILE A 132 -0.84 -26.78 -22.10
N THR A 133 0.28 -26.12 -21.83
CA THR A 133 0.29 -24.77 -21.29
C THR A 133 1.03 -23.87 -22.27
N MET A 134 1.76 -24.45 -23.20
CA MET A 134 2.36 -23.62 -24.21
C MET A 134 2.82 -24.50 -25.35
N LEU A 135 2.82 -23.95 -26.56
CA LEU A 135 3.22 -24.70 -27.72
C LEU A 135 4.56 -25.48 -27.56
N ARG A 136 5.47 -25.03 -26.69
CA ARG A 136 6.83 -25.64 -26.66
C ARG A 136 6.77 -26.88 -25.77
N ASP A 137 5.63 -27.01 -25.12
CA ASP A 137 5.30 -28.25 -24.50
C ASP A 137 5.32 -29.37 -25.56
N LEU A 138 4.95 -29.09 -26.81
CA LEU A 138 5.20 -30.08 -27.86
C LEU A 138 6.60 -29.86 -28.35
N ASP A 139 7.42 -30.91 -28.53
CA ASP A 139 8.84 -30.72 -28.97
C ASP A 139 8.96 -30.31 -30.45
N GLU A 140 10.14 -29.91 -30.88
CA GLU A 140 10.29 -29.37 -32.23
C GLU A 140 9.67 -30.25 -33.32
N GLY A 141 9.94 -31.54 -33.26
CA GLY A 141 9.37 -32.47 -34.21
C GLY A 141 7.85 -32.48 -34.19
N CYS A 142 7.25 -32.40 -32.99
CA CYS A 142 5.81 -32.38 -32.85
C CYS A 142 5.22 -31.22 -33.58
N ARG A 143 6.00 -30.18 -33.82
CA ARG A 143 5.47 -29.06 -34.54
C ARG A 143 5.98 -28.96 -36.01
N SER A 144 6.51 -30.04 -36.57
CA SER A 144 6.91 -30.01 -37.96
C SER A 144 5.95 -30.78 -38.83
N ARG A 145 5.51 -30.12 -39.89
CA ARG A 145 4.76 -30.75 -40.91
C ARG A 145 3.45 -31.22 -40.31
N VAL A 146 2.95 -30.47 -39.33
CA VAL A 146 1.63 -30.73 -38.81
C VAL A 146 0.63 -30.25 -39.81
N GLN A 147 -0.35 -31.07 -40.11
CA GLN A 147 -1.39 -30.65 -40.98
C GLN A 147 -2.68 -30.29 -40.18
N TYR A 148 -3.04 -31.07 -39.16
CA TYR A 148 -4.22 -30.77 -38.40
C TYR A 148 -3.85 -30.77 -36.95
N LEU A 149 -4.13 -29.72 -36.20
CA LEU A 149 -3.65 -29.63 -34.83
C LEU A 149 -4.75 -29.18 -33.93
N ASP A 150 -5.28 -30.08 -33.12
CA ASP A 150 -6.41 -29.78 -32.29
C ASP A 150 -5.94 -29.67 -30.83
N LEU A 151 -5.81 -28.44 -30.32
CA LEU A 151 -5.39 -28.18 -28.96
C LEU A 151 -6.55 -27.57 -28.18
N LYS A 152 -7.80 -27.82 -28.57
CA LYS A 152 -8.92 -27.26 -27.82
C LYS A 152 -8.91 -27.70 -26.36
N LEU A 153 -9.46 -26.88 -25.47
CA LEU A 153 -9.56 -27.30 -24.06
C LEU A 153 -8.22 -27.64 -23.43
N ASN A 154 -7.18 -26.90 -23.78
CA ASN A 154 -5.96 -27.06 -23.04
C ASN A 154 -5.76 -25.91 -22.06
N GLU A 155 -4.51 -25.55 -21.74
CA GLU A 155 -4.27 -24.50 -20.75
C GLU A 155 -3.21 -23.50 -21.22
N ILE A 156 -3.29 -23.13 -22.50
CA ILE A 156 -2.33 -22.23 -23.09
C ILE A 156 -2.69 -20.78 -22.80
N ASP A 157 -1.66 -19.97 -22.56
CA ASP A 157 -1.78 -18.52 -22.30
C ASP A 157 -1.55 -17.71 -23.50
N THR A 158 -0.47 -18.02 -24.20
CA THR A 158 -0.03 -17.21 -25.30
C THR A 158 0.44 -18.05 -26.46
N VAL A 159 -0.02 -17.72 -27.66
CA VAL A 159 0.42 -18.37 -28.87
C VAL A 159 1.49 -17.52 -29.55
N ASN A 160 2.57 -18.14 -30.01
CA ASN A 160 3.58 -17.48 -30.82
C ASN A 160 3.71 -18.26 -32.10
N PHE A 161 3.06 -17.78 -33.17
CA PHE A 161 2.99 -18.48 -34.45
C PHE A 161 4.38 -18.90 -34.91
N ALA A 162 5.42 -18.22 -34.51
CA ALA A 162 6.73 -18.60 -35.04
C ALA A 162 7.00 -20.03 -34.62
N GLU A 163 6.45 -20.44 -33.51
CA GLU A 163 6.78 -21.74 -32.97
C GLU A 163 6.15 -22.90 -33.77
N LEU A 164 5.40 -22.55 -34.83
CA LEU A 164 4.75 -23.52 -35.68
C LEU A 164 5.20 -23.26 -37.10
N ALA A 165 6.37 -22.63 -37.25
CA ALA A 165 6.90 -22.29 -38.57
C ALA A 165 7.25 -23.53 -39.34
N ALA A 166 7.61 -24.61 -38.66
CA ALA A 166 8.02 -25.81 -39.38
C ALA A 166 6.83 -26.53 -39.97
N SER A 167 5.64 -25.92 -39.82
CA SER A 167 4.39 -26.33 -40.43
C SER A 167 3.77 -25.21 -41.30
N SER A 168 4.54 -24.20 -41.71
CA SER A 168 4.06 -23.20 -42.68
C SER A 168 3.36 -23.83 -43.84
N ASP A 169 3.88 -24.93 -44.35
CA ASP A 169 3.38 -25.46 -45.60
C ASP A 169 2.42 -26.60 -45.49
N THR A 170 2.01 -26.93 -44.30
CA THR A 170 1.25 -28.15 -44.14
C THR A 170 0.02 -27.85 -43.33
N LEU A 171 0.11 -26.86 -42.45
CA LEU A 171 -0.92 -26.67 -41.46
C LEU A 171 -2.20 -26.22 -42.10
N GLU A 172 -3.28 -26.94 -41.88
CA GLU A 172 -4.58 -26.65 -42.49
C GLU A 172 -5.64 -26.39 -41.44
N HIS A 173 -5.45 -26.89 -40.24
CA HIS A 173 -6.46 -26.73 -39.22
C HIS A 173 -5.76 -26.50 -37.91
N LEU A 174 -6.09 -25.41 -37.24
CA LEU A 174 -5.51 -25.09 -35.92
C LEU A 174 -6.67 -24.71 -35.02
N ASN A 175 -6.93 -25.55 -34.02
CA ASN A 175 -8.01 -25.32 -33.05
C ASN A 175 -7.38 -24.92 -31.68
N LEU A 176 -7.70 -23.76 -31.15
CA LEU A 176 -7.11 -23.34 -29.90
C LEU A 176 -8.27 -22.86 -29.08
N GLN A 177 -9.48 -23.23 -29.42
CA GLN A 177 -10.58 -22.71 -28.66
C GLN A 177 -10.51 -23.18 -27.19
N TYR A 178 -11.24 -22.49 -26.31
CA TYR A 178 -11.33 -22.81 -24.89
C TYR A 178 -10.02 -23.02 -24.19
N ASN A 179 -9.05 -22.17 -24.49
CA ASN A 179 -7.89 -22.06 -23.64
C ASN A 179 -8.01 -20.82 -22.73
N PHE A 180 -6.90 -20.12 -22.54
CA PHE A 180 -6.83 -18.90 -21.72
C PHE A 180 -5.88 -17.89 -22.39
N ILE A 181 -5.99 -17.71 -23.69
CA ILE A 181 -4.98 -17.02 -24.44
C ILE A 181 -5.25 -15.53 -24.44
N TYR A 182 -4.23 -14.73 -24.07
CA TYR A 182 -4.40 -13.27 -23.87
C TYR A 182 -3.34 -12.50 -24.72
N ASP A 183 -2.47 -13.25 -25.37
CA ASP A 183 -1.65 -12.66 -26.37
C ASP A 183 -1.30 -13.64 -27.53
N VAL A 184 -1.33 -13.16 -28.77
CA VAL A 184 -0.90 -13.94 -29.93
C VAL A 184 0.08 -13.04 -30.60
N LYS A 185 1.08 -13.61 -31.26
CA LYS A 185 2.28 -12.90 -31.74
C LYS A 185 3.01 -13.72 -32.82
N GLY A 186 3.69 -13.09 -33.78
CA GLY A 186 4.53 -13.80 -34.75
C GLY A 186 3.99 -13.60 -36.14
N GLN A 187 4.86 -13.43 -37.12
CA GLN A 187 4.42 -13.36 -38.53
C GLN A 187 4.93 -14.61 -39.22
N VAL A 188 4.03 -15.43 -39.78
CA VAL A 188 4.42 -16.63 -40.53
C VAL A 188 3.40 -16.83 -41.66
N VAL A 189 3.85 -17.13 -42.88
CA VAL A 189 2.86 -17.32 -43.95
C VAL A 189 2.39 -18.75 -43.93
N PHE A 190 1.15 -18.96 -43.50
CA PHE A 190 0.59 -20.30 -43.49
C PHE A 190 -0.10 -20.57 -44.81
N ALA A 191 0.67 -21.00 -45.82
CA ALA A 191 0.17 -21.19 -47.18
C ALA A 191 -1.08 -22.06 -47.26
N LYS A 192 -1.29 -22.95 -46.30
CA LYS A 192 -2.37 -23.90 -46.46
C LYS A 192 -3.48 -23.76 -45.47
N LEU A 193 -3.39 -22.84 -44.53
CA LEU A 193 -4.34 -22.79 -43.41
C LEU A 193 -5.77 -22.53 -43.85
N LYS A 194 -6.66 -23.48 -43.60
CA LYS A 194 -8.07 -23.37 -43.99
C LYS A 194 -8.88 -22.86 -42.85
N THR A 195 -8.64 -23.36 -41.63
CA THR A 195 -9.36 -22.84 -40.45
C THR A 195 -8.53 -22.61 -39.16
N LEU A 196 -8.90 -21.57 -38.40
CA LEU A 196 -8.22 -21.14 -37.16
C LEU A 196 -9.34 -20.88 -36.16
N ASP A 197 -9.32 -21.51 -35.01
CA ASP A 197 -10.43 -21.32 -34.08
C ASP A 197 -9.88 -20.79 -32.76
N LEU A 198 -10.10 -19.51 -32.45
CA LEU A 198 -9.64 -18.99 -31.17
C LEU A 198 -10.84 -18.73 -30.29
N SER A 199 -11.99 -19.25 -30.63
CA SER A 199 -13.15 -19.00 -29.77
C SER A 199 -12.93 -19.26 -28.27
N SER A 200 -13.65 -18.55 -27.42
CA SER A 200 -13.47 -18.66 -25.99
C SER A 200 -12.06 -18.66 -25.51
N ASN A 201 -11.33 -17.60 -25.79
CA ASN A 201 -10.10 -17.33 -25.10
C ASN A 201 -10.25 -15.96 -24.49
N LYS A 202 -9.15 -15.23 -24.30
CA LYS A 202 -9.17 -13.96 -23.54
C LYS A 202 -8.39 -12.86 -24.31
N LEU A 203 -8.38 -12.93 -25.63
CA LEU A 203 -7.62 -11.97 -26.44
C LEU A 203 -8.20 -10.54 -26.39
N ALA A 204 -7.34 -9.53 -26.41
CA ALA A 204 -7.82 -8.13 -26.33
C ALA A 204 -7.57 -7.33 -27.59
N PHE A 205 -6.73 -7.86 -28.44
CA PHE A 205 -6.26 -7.21 -29.61
C PHE A 205 -5.98 -8.28 -30.72
N MET A 206 -6.76 -8.21 -31.79
CA MET A 206 -6.45 -8.88 -33.00
C MET A 206 -5.34 -8.18 -33.84
N GLY A 207 -4.07 -8.37 -33.54
CA GLY A 207 -3.04 -7.56 -34.17
C GLY A 207 -2.37 -7.99 -35.46
N PRO A 208 -1.29 -7.31 -35.83
CA PRO A 208 -0.62 -7.61 -37.08
C PRO A 208 -0.42 -9.08 -37.26
N GLU A 209 -0.24 -9.80 -36.16
CA GLU A 209 0.17 -11.21 -36.24
C GLU A 209 -0.91 -12.09 -36.92
N PHE A 210 -2.14 -11.57 -37.01
CA PHE A 210 -3.19 -12.28 -37.74
C PHE A 210 -3.12 -12.20 -39.25
N GLN A 211 -2.07 -11.63 -39.80
CA GLN A 211 -1.85 -11.76 -41.23
C GLN A 211 -1.39 -13.18 -41.53
N SER A 212 -1.00 -13.86 -40.47
CA SER A 212 -0.58 -15.22 -40.58
C SER A 212 -1.77 -16.12 -41.05
N ALA A 213 -2.99 -15.70 -40.72
CA ALA A 213 -4.16 -16.48 -41.06
C ALA A 213 -5.02 -15.70 -42.09
N ALA A 214 -4.32 -14.92 -42.92
CA ALA A 214 -5.02 -14.09 -43.91
C ALA A 214 -5.71 -14.96 -44.96
N GLY A 215 -5.17 -16.18 -45.18
CA GLY A 215 -5.70 -17.15 -46.14
C GLY A 215 -6.91 -17.99 -45.74
N VAL A 216 -7.35 -17.93 -44.50
CA VAL A 216 -8.34 -18.88 -44.04
C VAL A 216 -9.70 -18.67 -44.67
N THR A 217 -10.46 -19.75 -44.68
CA THR A 217 -11.83 -19.77 -45.10
C THR A 217 -12.65 -19.42 -43.89
N TRP A 218 -12.22 -19.98 -42.76
CA TRP A 218 -13.00 -19.97 -41.53
C TRP A 218 -12.12 -19.53 -40.33
N ILE A 219 -12.63 -18.58 -39.55
CA ILE A 219 -11.92 -18.03 -38.38
C ILE A 219 -12.92 -17.61 -37.34
N SER A 220 -12.65 -17.98 -36.11
CA SER A 220 -13.44 -17.48 -35.01
C SER A 220 -12.57 -16.82 -33.91
N LEU A 221 -12.97 -15.63 -33.48
CA LEU A 221 -12.52 -15.08 -32.21
C LEU A 221 -13.73 -14.86 -31.31
N ARG A 222 -14.75 -15.68 -31.52
CA ARG A 222 -15.94 -15.61 -30.72
C ARG A 222 -15.59 -15.55 -29.25
N ASN A 223 -16.47 -14.96 -28.43
CA ASN A 223 -16.26 -15.00 -26.98
C ASN A 223 -14.80 -14.82 -26.52
N ASN A 224 -14.06 -13.87 -27.09
CA ASN A 224 -12.87 -13.35 -26.43
C ASN A 224 -13.18 -12.06 -25.67
N LYS A 225 -12.18 -11.20 -25.47
CA LYS A 225 -12.37 -9.90 -24.83
C LYS A 225 -11.77 -8.82 -25.77
N LEU A 226 -12.12 -8.87 -27.04
CA LEU A 226 -11.53 -7.98 -28.01
C LEU A 226 -12.15 -6.56 -27.95
N VAL A 227 -11.27 -5.58 -28.20
CA VAL A 227 -11.56 -4.17 -28.23
C VAL A 227 -11.05 -3.46 -29.53
N LEU A 228 -9.86 -3.85 -29.99
CA LEU A 228 -9.24 -3.25 -31.16
C LEU A 228 -8.91 -4.30 -32.24
N ILE A 229 -9.02 -3.97 -33.52
CA ILE A 229 -8.52 -4.85 -34.59
C ILE A 229 -7.40 -4.12 -35.35
N GLU A 230 -6.24 -4.72 -35.55
CA GLU A 230 -5.23 -4.08 -36.39
C GLU A 230 -5.74 -3.80 -37.84
N LYS A 231 -5.74 -2.52 -38.24
CA LYS A 231 -6.29 -2.09 -39.55
C LYS A 231 -5.44 -2.60 -40.76
N ALA A 232 -4.14 -2.83 -40.56
CA ALA A 232 -3.30 -3.18 -41.69
C ALA A 232 -3.58 -4.58 -42.21
N LEU A 233 -4.43 -5.32 -41.49
CA LEU A 233 -4.78 -6.69 -41.89
C LEU A 233 -5.43 -6.71 -43.25
N ARG A 234 -5.00 -7.64 -44.09
CA ARG A 234 -5.57 -7.79 -45.41
C ARG A 234 -5.99 -9.26 -45.65
N PHE A 235 -7.26 -9.58 -45.47
CA PHE A 235 -7.72 -10.94 -45.76
C PHE A 235 -7.98 -11.21 -47.24
N SER A 236 -7.67 -12.42 -47.67
CA SER A 236 -8.04 -12.99 -48.96
C SER A 236 -9.50 -13.03 -49.27
N GLN A 237 -9.78 -13.20 -50.55
CA GLN A 237 -11.14 -13.39 -50.99
C GLN A 237 -11.62 -14.76 -50.51
N ASN A 238 -10.67 -15.64 -50.19
CA ASN A 238 -10.98 -16.96 -49.66
C ASN A 238 -11.87 -17.06 -48.41
N LEU A 239 -11.95 -16.01 -47.58
CA LEU A 239 -12.70 -16.00 -46.32
C LEU A 239 -14.21 -16.08 -46.48
N GLU A 240 -14.90 -16.88 -45.68
CA GLU A 240 -16.37 -17.12 -45.78
C GLU A 240 -17.08 -17.09 -44.44
N HIS A 241 -16.33 -17.33 -43.37
CA HIS A 241 -16.89 -17.39 -42.03
C HIS A 241 -16.00 -16.52 -41.14
N PHE A 242 -16.59 -15.57 -40.41
CA PHE A 242 -15.79 -14.56 -39.71
C PHE A 242 -16.58 -14.12 -38.50
N ASP A 243 -16.45 -14.88 -37.41
CA ASP A 243 -17.28 -14.75 -36.20
C ASP A 243 -16.57 -13.93 -35.13
N LEU A 244 -17.13 -12.79 -34.71
CA LEU A 244 -16.50 -11.97 -33.68
C LEU A 244 -17.46 -11.67 -32.55
N ARG A 245 -18.57 -12.40 -32.48
CA ARG A 245 -19.55 -12.16 -31.48
C ARG A 245 -18.93 -12.30 -30.11
N GLY A 246 -19.47 -11.60 -29.11
CA GLY A 246 -19.08 -11.80 -27.72
C GLY A 246 -17.83 -11.05 -27.26
N ASN A 247 -17.39 -10.13 -28.09
CA ASN A 247 -16.37 -9.20 -27.69
C ASN A 247 -16.91 -7.86 -27.20
N GLY A 248 -16.00 -6.87 -27.09
CA GLY A 248 -16.36 -5.49 -26.72
C GLY A 248 -15.59 -4.45 -27.53
N PHE A 249 -15.98 -4.34 -28.78
CA PHE A 249 -15.26 -3.57 -29.77
C PHE A 249 -15.46 -2.06 -29.64
N HIS A 250 -14.42 -1.29 -29.87
CA HIS A 250 -14.55 0.17 -30.05
C HIS A 250 -14.79 0.48 -31.54
N CYS A 251 -15.89 1.15 -31.86
CA CYS A 251 -16.27 1.27 -33.25
C CYS A 251 -15.10 1.78 -34.08
N GLY A 252 -14.24 2.58 -33.52
CA GLY A 252 -13.11 3.06 -34.28
C GLY A 252 -12.51 1.97 -35.15
N THR A 253 -12.34 0.75 -34.60
CA THR A 253 -11.52 -0.25 -35.28
C THR A 253 -12.36 -1.09 -36.22
N LEU A 254 -13.61 -1.37 -35.86
CA LEU A 254 -14.51 -1.94 -36.84
C LEU A 254 -14.47 -1.15 -38.19
N ARG A 255 -14.81 0.15 -38.17
CA ARG A 255 -14.67 1.05 -39.32
C ARG A 255 -13.28 1.04 -39.97
N ASP A 256 -12.21 1.02 -39.19
CA ASP A 256 -10.92 1.15 -39.85
C ASP A 256 -10.50 -0.11 -40.57
N PHE A 257 -11.05 -1.22 -40.11
CA PHE A 257 -10.66 -2.52 -40.62
C PHE A 257 -11.60 -2.89 -41.77
N PHE A 258 -12.91 -2.74 -41.57
CA PHE A 258 -13.81 -2.86 -42.70
C PHE A 258 -13.42 -1.92 -43.88
N SER A 259 -12.80 -0.79 -43.60
CA SER A 259 -12.58 0.19 -44.65
C SER A 259 -11.67 -0.42 -45.68
N LYS A 260 -10.72 -1.25 -45.29
CA LYS A 260 -9.84 -1.81 -46.31
C LYS A 260 -9.92 -3.36 -46.36
N ASN A 261 -11.02 -3.88 -45.83
CA ASN A 261 -11.44 -5.25 -46.02
C ASN A 261 -12.97 -5.16 -46.20
N GLN A 262 -13.42 -4.37 -47.20
CA GLN A 262 -14.86 -4.07 -47.37
C GLN A 262 -15.63 -5.36 -47.39
N ARG A 263 -15.14 -6.28 -48.24
CA ARG A 263 -15.63 -7.65 -48.38
C ARG A 263 -16.12 -8.24 -47.04
N VAL A 264 -15.19 -8.27 -46.10
CA VAL A 264 -15.34 -8.98 -44.86
C VAL A 264 -16.62 -8.58 -44.12
N GLN A 265 -17.11 -7.38 -44.42
CA GLN A 265 -18.30 -6.89 -43.72
C GLN A 265 -19.57 -7.67 -44.02
N THR A 266 -19.78 -7.99 -45.29
CA THR A 266 -20.90 -8.85 -45.70
C THR A 266 -20.62 -10.30 -45.27
N VAL A 267 -19.34 -10.70 -45.27
CA VAL A 267 -18.99 -12.00 -44.74
C VAL A 267 -19.39 -12.09 -43.26
N ALA A 268 -19.16 -11.00 -42.52
CA ALA A 268 -19.52 -10.92 -41.10
C ALA A 268 -20.99 -11.08 -40.94
N LYS A 269 -21.72 -10.39 -41.80
CA LYS A 269 -23.18 -10.41 -41.70
C LYS A 269 -23.66 -11.81 -41.99
N GLN A 270 -23.08 -12.44 -43.01
CA GLN A 270 -23.58 -13.71 -43.47
C GLN A 270 -23.31 -14.77 -42.45
N THR A 271 -22.22 -14.59 -41.69
CA THR A 271 -21.86 -15.52 -40.62
C THR A 271 -22.79 -15.52 -39.41
N VAL A 272 -23.12 -14.31 -38.93
CA VAL A 272 -24.06 -14.17 -37.82
C VAL A 272 -25.43 -14.68 -38.24
N LYS A 273 -25.84 -14.40 -39.47
CA LYS A 273 -27.12 -14.90 -39.98
C LYS A 273 -27.18 -16.44 -40.10
N LYS A 274 -26.10 -17.05 -40.61
CA LYS A 274 -26.00 -18.50 -40.61
C LYS A 274 -26.06 -18.99 -39.18
N LEU A 275 -25.35 -18.31 -38.27
CA LEU A 275 -25.23 -18.87 -36.93
C LEU A 275 -26.42 -18.55 -36.01
N THR A 276 -26.98 -17.36 -36.11
CA THR A 276 -27.96 -16.95 -35.11
C THR A 276 -29.35 -16.76 -35.68
N GLY A 277 -29.45 -16.27 -36.92
CA GLY A 277 -30.75 -16.12 -37.54
C GLY A 277 -31.11 -14.68 -37.87
N GLN A 278 -30.38 -13.72 -37.27
CA GLN A 278 -30.59 -12.31 -37.57
C GLN A 278 -29.25 -11.76 -38.00
N ASN A 279 -29.24 -10.60 -38.65
CA ASN A 279 -28.04 -10.10 -39.32
C ASN A 279 -27.16 -9.21 -38.49
N GLU A 280 -27.14 -9.42 -37.18
CA GLU A 280 -26.37 -8.55 -36.27
C GLU A 280 -26.26 -9.27 -34.94
N GLU A 281 -25.25 -9.00 -34.14
CA GLU A 281 -25.25 -9.73 -32.87
C GLU A 281 -26.19 -9.12 -31.84
N GLU A 282 -26.79 -9.97 -31.00
CA GLU A 282 -27.56 -9.46 -29.88
C GLU A 282 -26.71 -8.87 -28.79
N CYS A 283 -26.33 -7.60 -28.89
CA CYS A 283 -25.64 -6.91 -27.82
C CYS A 283 -26.23 -7.21 -26.46
N THR A 284 -25.33 -7.32 -25.49
CA THR A 284 -25.67 -7.52 -24.08
C THR A 284 -26.64 -6.43 -23.54
N VAL A 285 -26.37 -5.18 -23.95
CA VAL A 285 -27.28 -4.03 -23.74
C VAL A 285 -27.84 -3.44 -25.06
N PRO A 286 -29.18 -3.55 -25.26
CA PRO A 286 -29.90 -2.96 -26.42
C PRO A 286 -29.51 -1.53 -26.77
N THR A 287 -29.33 -0.71 -25.75
CA THR A 287 -28.87 0.64 -26.00
C THR A 287 -27.68 0.67 -26.94
N LEU A 288 -27.07 -0.50 -27.21
CA LEU A 288 -25.68 -0.58 -27.72
C LEU A 288 -25.69 -0.67 -29.24
N GLY A 289 -24.74 -0.01 -29.88
CA GLY A 289 -24.78 0.07 -31.33
C GLY A 289 -23.71 -0.69 -32.12
N HIS A 290 -24.17 -1.27 -33.24
CA HIS A 290 -23.30 -2.07 -34.08
C HIS A 290 -22.47 -1.28 -35.09
N TYR A 291 -21.56 -1.95 -35.74
CA TYR A 291 -21.02 -1.40 -36.97
C TYR A 291 -20.92 -2.59 -37.94
N GLY A 292 -21.91 -2.66 -38.80
CA GLY A 292 -22.10 -3.85 -39.57
C GLY A 292 -22.75 -4.73 -38.56
N ALA A 293 -22.13 -5.86 -38.24
CA ALA A 293 -22.89 -6.93 -37.61
C ALA A 293 -22.55 -7.10 -36.12
N TYR A 294 -21.43 -6.49 -35.72
CA TYR A 294 -20.91 -6.64 -34.34
C TYR A 294 -21.17 -5.44 -33.38
N CYS A 295 -21.83 -5.68 -32.25
CA CYS A 295 -21.93 -4.70 -31.16
C CYS A 295 -20.66 -3.82 -31.00
N CYS A 296 -20.81 -2.52 -30.79
CA CYS A 296 -19.63 -1.67 -30.63
C CYS A 296 -19.91 -0.41 -29.82
N GLU A 297 -18.87 0.43 -29.67
CA GLU A 297 -18.91 1.55 -28.73
C GLU A 297 -17.67 2.49 -28.80
N ASP A 298 -17.91 3.81 -28.95
CA ASP A 298 -16.83 4.81 -28.91
C ASP A 298 -16.26 4.90 -27.50
N LEU A 299 -15.12 4.24 -27.22
CA LEU A 299 -14.61 4.05 -25.86
C LEU A 299 -13.43 4.94 -25.58
N PRO A 300 -13.50 5.65 -24.48
CA PRO A 300 -12.49 6.65 -24.13
C PRO A 300 -11.14 6.01 -24.13
N ALA A 301 -10.99 4.89 -23.40
CA ALA A 301 -9.68 4.22 -23.31
C ALA A 301 -9.85 2.83 -22.63
N PRO A 302 -10.35 1.84 -23.41
CA PRO A 302 -10.80 0.56 -22.87
C PRO A 302 -9.67 -0.14 -22.23
N PHE A 303 -8.43 -0.15 -22.76
CA PHE A 303 -7.32 -0.86 -22.09
C PHE A 303 -6.94 -0.29 -20.76
N ALA A 304 -6.80 1.01 -20.69
CA ALA A 304 -6.51 1.61 -19.42
C ALA A 304 -7.62 1.26 -18.40
N ASP A 305 -8.89 1.30 -18.77
CA ASP A 305 -9.88 1.12 -17.72
C ASP A 305 -9.85 -0.32 -17.20
N ARG A 306 -9.47 -1.28 -18.07
CA ARG A 306 -9.35 -2.67 -17.61
C ARG A 306 -8.21 -2.86 -16.64
N LEU A 307 -7.10 -2.18 -16.91
CA LEU A 307 -5.91 -2.27 -16.10
C LEU A 307 -6.19 -1.56 -14.75
N ILE A 308 -6.88 -0.44 -14.77
CA ILE A 308 -7.18 0.23 -13.54
C ILE A 308 -8.01 -0.67 -12.61
N ALA A 309 -8.95 -1.42 -13.19
CA ALA A 309 -9.87 -2.23 -12.44
C ALA A 309 -9.11 -3.37 -11.79
N LEU A 310 -8.19 -3.99 -12.51
CA LEU A 310 -7.25 -4.93 -11.89
C LEU A 310 -6.41 -4.27 -10.76
N LYS A 311 -5.77 -3.15 -11.02
CA LYS A 311 -4.97 -2.54 -10.01
C LYS A 311 -5.80 -2.15 -8.76
N ARG A 312 -7.07 -1.76 -8.91
CA ARG A 312 -7.96 -1.60 -7.76
C ARG A 312 -8.06 -2.89 -6.87
N LYS A 313 -8.40 -4.05 -7.43
CA LYS A 313 -8.38 -5.31 -6.65
C LYS A 313 -7.02 -5.52 -5.97
N GLU A 314 -5.95 -5.16 -6.63
CA GLU A 314 -4.65 -5.50 -6.06
C GLU A 314 -4.33 -4.68 -4.84
N HIS A 315 -4.74 -3.41 -4.88
CA HIS A 315 -4.36 -2.42 -3.91
C HIS A 315 -5.48 -2.01 -2.99
N ALA A 316 -6.69 -2.54 -3.17
CA ALA A 316 -7.79 -2.14 -2.26
C ALA A 316 -7.49 -2.47 -0.80
N LEU A 317 -7.86 -1.56 0.10
CA LEU A 317 -7.75 -1.76 1.53
C LEU A 317 -8.47 -3.02 2.03
N LEU A 318 -9.72 -3.22 1.62
CA LEU A 318 -10.43 -4.50 1.90
C LEU A 318 -10.13 -5.63 0.89
N SER A 319 -10.29 -6.90 1.22
CA SER A 319 -10.12 -7.90 0.12
C SER A 319 -11.19 -7.70 -0.97
N THR A 325 -21.10 -9.68 -9.28
CA THR A 325 -20.78 -8.86 -10.46
C THR A 325 -19.86 -9.61 -11.48
N GLU A 326 -18.55 -9.58 -11.22
CA GLU A 326 -17.53 -10.34 -11.97
C GLU A 326 -17.52 -11.84 -11.53
N ARG A 327 -18.14 -12.12 -10.38
CA ARG A 327 -18.27 -13.48 -9.87
C ARG A 327 -19.45 -14.16 -10.58
N LEU A 328 -20.11 -13.42 -11.48
CA LEU A 328 -21.22 -13.97 -12.25
C LEU A 328 -20.75 -14.14 -13.70
N GLU A 329 -19.93 -13.20 -14.15
CA GLU A 329 -19.26 -13.29 -15.44
C GLU A 329 -18.30 -14.46 -15.38
N CYS A 330 -17.63 -14.62 -14.23
CA CYS A 330 -16.59 -15.64 -14.04
C CYS A 330 -17.21 -17.04 -13.92
N GLU A 331 -18.16 -17.19 -13.01
CA GLU A 331 -18.67 -18.50 -12.68
C GLU A 331 -19.40 -19.10 -13.86
N ARG A 332 -20.02 -18.28 -14.70
CA ARG A 332 -20.74 -18.81 -15.87
C ARG A 332 -19.75 -19.07 -17.05
N GLU A 333 -18.55 -18.50 -16.95
CA GLU A 333 -17.47 -18.74 -17.90
C GLU A 333 -16.84 -20.10 -17.58
N ASN A 334 -16.78 -20.46 -16.29
CA ASN A 334 -16.24 -21.75 -15.84
C ASN A 334 -17.18 -22.91 -15.99
N GLN A 335 -18.47 -22.60 -16.11
CA GLN A 335 -19.45 -23.63 -16.35
C GLN A 335 -19.37 -23.86 -17.83
N ALA A 336 -19.25 -22.79 -18.61
CA ALA A 336 -19.14 -22.94 -20.06
C ALA A 336 -18.02 -23.92 -20.37
N ARG A 337 -16.90 -23.81 -19.66
CA ARG A 337 -15.78 -24.70 -19.91
C ARG A 337 -16.09 -26.16 -19.51
N GLN A 338 -16.64 -26.36 -18.33
CA GLN A 338 -16.94 -27.71 -17.85
C GLN A 338 -18.06 -28.36 -18.62
N ARG A 339 -18.91 -27.57 -19.26
CA ARG A 339 -19.90 -28.18 -20.12
C ARG A 339 -19.20 -28.66 -21.38
N GLU A 340 -18.12 -28.00 -21.80
CA GLU A 340 -17.48 -28.41 -23.04
C GLU A 340 -16.68 -29.63 -22.76
N ILE A 341 -16.09 -29.72 -21.57
CA ILE A 341 -15.26 -30.86 -21.24
C ILE A 341 -16.11 -32.09 -21.15
N ASP A 342 -17.23 -32.01 -20.46
CA ASP A 342 -18.14 -33.14 -20.33
C ASP A 342 -18.66 -33.54 -21.71
N ALA A 343 -19.13 -32.57 -22.46
CA ALA A 343 -19.57 -32.81 -23.81
C ALA A 343 -18.51 -33.62 -24.53
N LEU A 344 -17.27 -33.20 -24.42
CA LEU A 344 -16.19 -33.85 -25.13
C LEU A 344 -15.88 -35.22 -24.57
N LYS A 345 -15.79 -35.35 -23.25
CA LYS A 345 -15.64 -36.64 -22.64
C LYS A 345 -16.67 -37.60 -23.23
N GLU A 346 -17.81 -37.09 -23.69
CA GLU A 346 -18.82 -37.90 -24.36
C GLU A 346 -18.53 -38.22 -25.82
N GLN A 347 -18.06 -37.24 -26.55
CA GLN A 347 -17.84 -37.37 -27.98
C GLN A 347 -16.71 -38.38 -28.29
N TYR A 348 -16.02 -38.82 -27.24
CA TYR A 348 -14.90 -39.73 -27.41
C TYR A 348 -15.08 -40.99 -26.62
N ARG A 349 -16.21 -41.11 -25.92
CA ARG A 349 -16.50 -42.30 -25.12
C ARG A 349 -16.64 -43.59 -25.94
N THR A 350 -16.09 -44.66 -25.37
CA THR A 350 -15.94 -45.99 -25.94
C THR A 350 -16.84 -46.88 -25.11
N VAL A 351 -17.09 -48.09 -25.58
CA VAL A 351 -17.90 -49.08 -24.83
C VAL A 351 -17.05 -50.02 -23.93
N ILE A 352 -17.48 -50.21 -22.69
CA ILE A 352 -16.64 -50.94 -21.74
C ILE A 352 -17.52 -51.79 -20.85
N ASP A 353 -17.08 -53.03 -20.62
CA ASP A 353 -17.92 -53.93 -19.90
C ASP A 353 -17.83 -53.71 -18.39
N GLN A 354 -18.93 -53.99 -17.70
CA GLN A 354 -19.01 -53.75 -16.27
C GLN A 354 -17.85 -54.39 -15.47
N VAL A 355 -17.34 -55.56 -15.85
CA VAL A 355 -16.30 -56.12 -15.00
C VAL A 355 -14.95 -55.40 -15.21
N THR A 356 -14.74 -54.79 -16.38
CA THR A 356 -13.47 -54.09 -16.57
C THR A 356 -13.63 -52.66 -16.08
N LEU A 357 -14.87 -52.15 -15.97
CA LEU A 357 -15.06 -50.82 -15.41
C LEU A 357 -14.57 -50.83 -13.98
N ARG A 358 -14.88 -51.91 -13.26
CA ARG A 358 -14.54 -52.02 -11.85
C ARG A 358 -13.09 -52.31 -11.74
N LYS A 359 -12.57 -53.16 -12.61
CA LYS A 359 -11.14 -53.35 -12.67
C LYS A 359 -10.43 -52.00 -12.90
N GLN A 360 -11.01 -51.12 -13.74
CA GLN A 360 -10.43 -49.79 -14.04
C GLN A 360 -10.55 -48.84 -12.84
N ALA A 361 -11.73 -48.83 -12.20
CA ALA A 361 -12.05 -47.91 -11.10
C ALA A 361 -11.22 -48.26 -9.92
N LYS A 362 -10.71 -49.48 -9.84
CA LYS A 362 -9.82 -49.79 -8.75
C LYS A 362 -8.50 -49.05 -8.90
N ILE A 363 -7.92 -49.00 -10.09
CA ILE A 363 -6.62 -48.37 -10.27
C ILE A 363 -6.74 -46.83 -10.19
N THR A 364 -7.87 -46.33 -10.68
CA THR A 364 -8.12 -44.92 -10.74
C THR A 364 -8.33 -44.41 -9.31
N LEU A 365 -9.04 -45.18 -8.47
CA LEU A 365 -9.28 -44.83 -7.08
C LEU A 365 -7.97 -44.93 -6.26
N GLU A 366 -7.13 -45.91 -6.52
CA GLU A 366 -5.82 -45.88 -5.95
C GLU A 366 -5.05 -44.63 -6.31
N GLN A 367 -5.18 -44.07 -7.51
CA GLN A 367 -4.47 -42.83 -7.76
C GLN A 367 -5.13 -41.66 -7.01
N LYS A 368 -6.46 -41.58 -6.92
CA LYS A 368 -7.08 -40.46 -6.23
C LYS A 368 -6.69 -40.43 -4.76
N LYS A 369 -6.58 -41.62 -4.18
CA LYS A 369 -6.38 -41.75 -2.78
C LYS A 369 -4.97 -41.26 -2.52
N LYS A 370 -4.07 -41.61 -3.44
CA LYS A 370 -2.67 -41.31 -3.25
C LYS A 370 -2.42 -39.80 -3.34
N ALA A 371 -2.99 -39.17 -4.33
CA ALA A 371 -2.99 -37.72 -4.49
C ALA A 371 -3.62 -36.97 -3.31
N LEU A 372 -4.72 -37.52 -2.78
CA LEU A 372 -5.37 -36.94 -1.63
C LEU A 372 -4.47 -37.06 -0.39
N ASP A 373 -3.79 -38.18 -0.19
CA ASP A 373 -2.83 -38.28 0.89
C ASP A 373 -1.75 -37.23 0.77
N GLU A 374 -1.13 -37.10 -0.39
CA GLU A 374 -0.18 -36.01 -0.64
C GLU A 374 -0.78 -34.64 -0.25
N GLN A 375 -2.04 -34.39 -0.58
CA GLN A 375 -2.64 -33.10 -0.33
C GLN A 375 -2.97 -32.91 1.11
N VAL A 376 -3.57 -33.91 1.72
CA VAL A 376 -3.86 -33.80 3.12
C VAL A 376 -2.55 -33.67 3.89
N SER A 377 -1.45 -34.14 3.34
CA SER A 377 -0.26 -34.06 4.12
C SER A 377 0.49 -32.73 3.84
N ASN A 378 0.35 -32.16 2.66
CA ASN A 378 0.85 -30.81 2.44
C ASN A 378 0.15 -29.87 3.39
N GLY A 379 -1.13 -30.18 3.65
CA GLY A 379 -2.00 -29.38 4.49
C GLY A 379 -1.47 -29.37 5.89
N ARG A 380 -1.21 -30.57 6.38
CA ARG A 380 -0.65 -30.77 7.70
C ARG A 380 0.70 -30.03 7.82
N ARG A 381 1.47 -30.02 6.77
CA ARG A 381 2.74 -29.33 6.88
C ARG A 381 2.53 -27.81 6.93
N ALA A 382 1.64 -27.29 6.10
CA ALA A 382 1.41 -25.85 6.09
C ALA A 382 0.93 -25.46 7.47
N HIS A 383 0.02 -26.25 8.02
CA HIS A 383 -0.47 -26.00 9.37
C HIS A 383 0.67 -25.92 10.49
N ALA A 384 1.49 -26.94 10.58
CA ALA A 384 2.58 -26.84 11.54
C ALA A 384 3.52 -25.63 11.22
N GLU A 385 3.82 -25.35 9.96
CA GLU A 385 4.60 -24.16 9.70
C GLU A 385 3.95 -22.82 10.30
N LEU A 386 2.65 -22.64 10.14
CA LEU A 386 1.98 -21.50 10.70
C LEU A 386 2.09 -21.48 12.20
N ASP A 387 1.68 -22.55 12.87
CA ASP A 387 1.80 -22.68 14.32
C ASP A 387 3.24 -22.35 14.74
N GLY A 388 4.24 -22.81 14.01
CA GLY A 388 5.60 -22.54 14.39
C GLY A 388 5.86 -21.05 14.34
N THR A 389 5.50 -20.45 13.21
CA THR A 389 5.70 -19.02 13.04
C THR A 389 4.99 -18.15 14.13
N LEU A 390 3.74 -18.47 14.45
CA LEU A 390 3.00 -17.81 15.54
C LEU A 390 3.60 -17.99 16.94
N GLN A 391 4.30 -19.11 17.16
CA GLN A 391 5.01 -19.35 18.41
C GLN A 391 6.36 -18.59 18.48
N GLN A 392 7.06 -18.44 17.35
CA GLN A 392 8.17 -17.54 17.31
C GLN A 392 7.65 -16.08 17.57
N ALA A 393 6.49 -15.75 17.00
CA ALA A 393 5.98 -14.39 17.14
C ALA A 393 5.59 -14.09 18.60
N VAL A 394 4.81 -14.90 19.28
CA VAL A 394 4.45 -14.50 20.64
C VAL A 394 5.66 -14.47 21.64
N GLY A 395 6.85 -14.80 21.14
CA GLY A 395 8.01 -14.94 22.00
C GLY A 395 8.80 -13.68 21.88
N GLN A 396 8.35 -12.81 20.99
CA GLN A 396 9.08 -11.57 20.72
C GLN A 396 8.37 -10.28 21.19
N ILE A 397 7.25 -10.38 21.88
CA ILE A 397 6.45 -9.24 22.28
C ILE A 397 5.79 -9.66 23.59
N GLU A 398 4.82 -8.91 24.10
CA GLU A 398 4.15 -9.28 25.34
C GLU A 398 2.68 -9.18 25.15
N LEU A 399 1.99 -10.31 25.09
CA LEU A 399 0.56 -10.29 24.89
C LEU A 399 -0.18 -10.21 26.22
N GLN A 400 -1.33 -9.57 26.26
CA GLN A 400 -2.28 -9.78 27.36
C GLN A 400 -2.54 -11.26 27.73
N HIS A 401 -3.05 -11.50 28.94
CA HIS A 401 -3.38 -12.88 29.34
C HIS A 401 -4.68 -13.37 28.71
N ALA A 402 -4.60 -14.60 28.19
CA ALA A 402 -5.71 -15.24 27.51
C ALA A 402 -6.26 -16.27 28.46
N THR A 403 -7.52 -16.08 28.82
CA THR A 403 -8.21 -17.03 29.67
C THR A 403 -8.53 -18.36 28.90
N GLU A 404 -8.94 -18.27 27.64
CA GLU A 404 -9.35 -19.44 26.87
C GLU A 404 -8.26 -19.84 25.91
N GLU A 405 -8.29 -21.08 25.42
CA GLU A 405 -7.34 -21.54 24.41
C GLU A 405 -7.56 -20.66 23.15
N GLN A 406 -6.45 -20.20 22.56
CA GLN A 406 -6.51 -19.24 21.43
C GLN A 406 -6.31 -19.92 20.07
N SER A 407 -7.14 -19.63 19.09
CA SER A 407 -6.89 -20.17 17.73
C SER A 407 -5.78 -19.43 17.01
N PRO A 408 -5.29 -19.92 15.87
CA PRO A 408 -4.30 -19.07 15.14
C PRO A 408 -4.87 -17.74 14.65
N LEU A 409 -6.13 -17.69 14.23
CA LEU A 409 -6.75 -16.40 13.87
C LEU A 409 -6.61 -15.45 15.06
N GLN A 410 -7.12 -15.83 16.22
CA GLN A 410 -7.02 -15.02 17.45
C GLN A 410 -5.61 -14.62 17.78
N LEU A 411 -4.62 -15.49 17.56
CA LEU A 411 -3.25 -15.14 17.89
C LEU A 411 -2.70 -14.04 16.96
N LEU A 412 -2.99 -14.13 15.67
CA LEU A 412 -2.55 -13.11 14.75
C LEU A 412 -3.23 -11.79 15.09
N ARG A 413 -4.50 -11.82 15.43
CA ARG A 413 -5.10 -10.56 15.84
C ARG A 413 -4.46 -10.00 17.13
N ALA A 414 -4.15 -10.82 18.13
CA ALA A 414 -3.57 -10.26 19.33
C ALA A 414 -2.19 -9.68 19.04
N ILE A 415 -1.38 -10.40 18.24
CA ILE A 415 -0.04 -9.97 17.89
C ILE A 415 -0.03 -8.63 17.14
N VAL A 416 -0.91 -8.42 16.17
CA VAL A 416 -0.87 -7.18 15.42
C VAL A 416 -1.33 -6.09 16.38
N LYS A 417 -2.43 -6.36 17.07
CA LYS A 417 -2.92 -5.41 18.05
C LYS A 417 -1.79 -4.91 18.99
N ARG A 418 -0.94 -5.82 19.47
CA ARG A 418 0.11 -5.44 20.42
C ARG A 418 1.18 -4.57 19.75
N TYR A 419 1.57 -4.92 18.55
CA TYR A 419 2.52 -4.11 17.85
C TYR A 419 1.92 -2.71 17.67
N GLU A 420 0.62 -2.60 17.39
CA GLU A 420 0.00 -1.31 17.21
C GLU A 420 0.04 -0.52 18.51
N GLU A 421 -0.33 -1.12 19.64
CA GLU A 421 -0.11 -0.47 20.94
C GLU A 421 1.36 0.05 21.15
N MET A 422 2.32 -0.70 20.67
CA MET A 422 3.67 -0.47 21.03
C MET A 422 4.14 0.71 20.25
N TYR A 423 3.78 0.70 18.95
CA TYR A 423 4.03 1.79 18.03
C TYR A 423 3.45 3.11 18.56
N VAL A 424 2.17 3.11 18.91
CA VAL A 424 1.60 4.25 19.52
C VAL A 424 2.38 4.63 20.80
N GLU A 425 2.71 3.72 21.70
CA GLU A 425 3.51 4.08 22.91
C GLU A 425 4.76 4.78 22.44
N GLN A 426 5.41 4.24 21.42
CA GLN A 426 6.74 4.72 21.08
C GLN A 426 6.57 6.13 20.58
N GLN A 427 5.50 6.38 19.83
CA GLN A 427 5.24 7.66 19.20
C GLN A 427 4.92 8.71 20.25
N SER A 428 4.25 8.29 21.29
CA SER A 428 3.92 9.22 22.33
C SER A 428 5.22 9.65 23.10
N VAL A 429 6.09 8.68 23.33
CA VAL A 429 7.35 8.96 23.94
C VAL A 429 8.11 9.96 23.09
N GLN A 430 8.19 9.71 21.80
CA GLN A 430 8.90 10.61 20.89
C GLN A 430 8.33 12.01 20.93
N ASN A 431 7.03 12.15 20.85
CA ASN A 431 6.42 13.46 20.97
C ASN A 431 6.91 14.26 22.19
N ASN A 432 6.97 13.59 23.37
CA ASN A 432 7.40 14.22 24.58
C ASN A 432 8.83 14.73 24.39
N ALA A 433 9.68 13.96 23.75
CA ALA A 433 11.06 14.31 23.60
C ALA A 433 11.18 15.58 22.72
N ILE A 434 10.34 15.66 21.68
CA ILE A 434 10.38 16.75 20.72
C ILE A 434 9.86 18.00 21.43
N ARG A 435 8.90 17.82 22.33
CA ARG A 435 8.39 18.96 23.08
C ARG A 435 9.38 19.51 24.12
N ASP A 436 10.06 18.61 24.84
CA ASP A 436 11.23 18.92 25.62
C ASP A 436 12.29 19.67 24.78
N TRP A 437 12.64 19.19 23.62
CA TRP A 437 13.61 19.96 22.88
C TRP A 437 13.05 21.36 22.62
N ASP A 438 11.76 21.53 22.41
CA ASP A 438 11.29 22.86 22.07
C ASP A 438 11.34 23.77 23.33
N MET A 439 11.01 23.21 24.50
CA MET A 439 11.03 23.95 25.75
C MET A 439 12.42 24.42 26.15
N TYR A 440 13.41 23.54 26.07
CA TYR A 440 14.81 23.87 26.29
C TYR A 440 15.38 24.81 25.27
N GLN A 441 14.91 24.76 24.03
CA GLN A 441 15.42 25.65 23.00
C GLN A 441 14.90 27.08 23.16
N HIS A 442 13.69 27.20 23.72
CA HIS A 442 13.14 28.49 24.01
C HIS A 442 13.88 29.07 25.19
N LYS A 443 14.15 28.20 26.16
CA LYS A 443 14.96 28.55 27.30
C LYS A 443 16.34 29.00 26.83
N GLU A 444 16.92 28.33 25.84
CA GLU A 444 18.23 28.73 25.34
C GLU A 444 18.20 30.13 24.76
N THR A 445 17.15 30.46 24.02
CA THR A 445 17.07 31.80 23.45
C THR A 445 16.83 32.86 24.54
N GLN A 446 16.07 32.54 25.58
CA GLN A 446 15.95 33.46 26.69
C GLN A 446 17.33 33.65 27.34
N LEU A 447 18.11 32.57 27.43
CA LEU A 447 19.34 32.66 28.17
C LEU A 447 20.37 33.40 27.36
N ALA A 448 20.21 33.37 26.06
CA ALA A 448 21.25 33.86 25.20
C ALA A 448 20.98 35.31 24.97
N GLU A 449 19.72 35.69 25.24
CA GLU A 449 19.40 37.10 25.32
C GLU A 449 20.04 37.68 26.53
N GLU A 450 19.83 37.04 27.68
CA GLU A 450 20.51 37.43 28.88
C GLU A 450 22.03 37.36 28.73
N ASN A 451 22.54 36.56 27.80
CA ASN A 451 23.99 36.47 27.66
C ASN A 451 24.49 37.77 26.99
N ALA A 452 23.76 38.29 26.01
CA ALA A 452 24.15 39.53 25.35
C ALA A 452 23.88 40.71 26.27
N ARG A 453 22.83 40.65 27.06
CA ARG A 453 22.60 41.76 27.95
C ARG A 453 23.79 41.91 28.96
N LEU A 454 24.28 40.80 29.51
CA LEU A 454 25.39 40.87 30.41
C LEU A 454 26.69 41.17 29.65
N LYS A 455 26.88 40.63 28.45
CA LYS A 455 28.10 40.90 27.71
C LYS A 455 28.20 42.40 27.31
N LYS A 456 27.07 43.07 27.17
CA LYS A 456 27.08 44.43 26.69
C LYS A 456 27.30 45.31 27.95
N LEU A 457 26.64 45.00 29.07
CA LEU A 457 26.96 45.65 30.32
C LEU A 457 28.44 45.55 30.70
N ASN A 458 29.06 44.38 30.56
CA ASN A 458 30.49 44.28 30.77
C ASN A 458 31.26 45.20 29.81
N GLY A 459 31.00 45.09 28.52
CA GLY A 459 31.67 45.95 27.57
C GLY A 459 31.62 47.39 28.04
N GLU A 460 30.48 47.81 28.60
CA GLU A 460 30.26 49.18 29.02
C GLU A 460 30.90 49.49 30.38
N ALA A 461 31.09 48.50 31.26
CA ALA A 461 31.84 48.78 32.48
C ALA A 461 33.28 48.92 32.06
N ASP A 462 33.68 48.18 31.02
CA ASP A 462 35.09 48.12 30.61
C ASP A 462 35.45 49.51 30.14
N LEU A 463 34.50 50.09 29.42
CA LEU A 463 34.64 51.45 28.99
C LEU A 463 34.62 52.38 30.18
N ALA A 464 33.60 52.30 31.03
CA ALA A 464 33.53 53.27 32.12
C ALA A 464 34.77 53.22 33.04
N LEU A 465 35.35 52.04 33.33
CA LEU A 465 36.61 51.98 34.08
C LEU A 465 37.72 52.77 33.37
N ALA A 466 37.80 52.61 32.05
CA ALA A 466 38.75 53.33 31.26
C ALA A 466 38.53 54.86 31.33
N SER A 467 37.32 55.35 31.27
CA SER A 467 37.08 56.75 31.49
C SER A 467 37.61 57.19 32.84
N ALA A 468 37.11 56.58 33.90
CA ALA A 468 37.38 57.02 35.25
C ALA A 468 38.87 56.89 35.51
N ASN A 469 39.54 56.05 34.73
CA ASN A 469 40.97 55.90 34.86
C ASN A 469 41.68 57.11 34.26
N ALA A 470 41.36 57.43 33.02
CA ALA A 470 41.86 58.59 32.34
C ALA A 470 41.65 59.86 33.16
N THR A 471 40.55 59.90 33.92
CA THR A 471 40.26 61.06 34.68
C THR A 471 41.16 61.03 35.93
N LEU A 472 41.34 59.87 36.53
CA LEU A 472 42.28 59.75 37.62
C LEU A 472 43.67 60.17 37.14
N GLN A 473 44.03 59.88 35.89
CA GLN A 473 45.34 60.23 35.34
C GLN A 473 45.56 61.71 35.03
N GLU A 474 44.56 62.39 34.51
CA GLU A 474 44.64 63.84 34.36
C GLU A 474 44.84 64.47 35.71
N LEU A 475 44.32 63.89 36.78
CA LEU A 475 44.58 64.44 38.09
C LEU A 475 45.97 64.09 38.51
N VAL A 476 46.51 62.96 38.03
CA VAL A 476 47.82 62.60 38.47
C VAL A 476 48.83 63.55 37.84
N VAL A 477 48.56 64.03 36.64
CA VAL A 477 49.49 64.91 35.95
C VAL A 477 49.49 66.29 36.64
N ARG A 478 48.31 66.75 37.09
CA ARG A 478 48.23 68.04 37.78
C ARG A 478 48.88 67.96 39.13
N GLU A 479 49.10 66.78 39.65
CA GLU A 479 49.67 66.70 40.97
C GLU A 479 51.14 66.76 40.80
N GLN A 480 51.67 66.08 39.80
CA GLN A 480 53.10 66.14 39.65
C GLN A 480 53.53 67.46 38.98
N ASN A 481 52.66 68.16 38.23
CA ASN A 481 53.02 69.52 37.79
C ASN A 481 53.08 70.53 38.95
N LEU A 482 52.14 70.48 39.86
CA LEU A 482 52.22 71.36 41.00
C LEU A 482 53.45 71.11 41.87
N ALA A 483 53.83 69.86 42.05
CA ALA A 483 54.77 69.56 43.10
C ALA A 483 56.14 69.96 42.59
N SER A 484 56.36 69.82 41.28
CA SER A 484 57.50 70.42 40.60
C SER A 484 57.55 71.91 40.91
N GLN A 485 56.57 72.67 40.45
CA GLN A 485 56.50 74.09 40.71
C GLN A 485 56.75 74.51 42.15
N LEU A 486 56.54 73.64 43.11
CA LEU A 486 56.25 74.15 44.44
C LEU A 486 57.27 73.82 45.53
N GLY A 487 58.04 72.76 45.34
CA GLY A 487 59.14 72.48 46.24
C GLY A 487 60.33 72.26 45.33
N PRO B 11 6.90 32.63 64.33
CA PRO B 11 8.29 32.60 63.85
C PRO B 11 8.49 33.16 62.41
N ARG B 12 8.02 32.41 61.40
CA ARG B 12 8.25 32.67 59.95
C ARG B 12 9.62 32.23 59.43
N GLN B 13 9.94 30.95 59.73
CA GLN B 13 11.31 30.43 59.62
C GLN B 13 11.81 30.42 58.17
N PRO B 14 11.15 29.60 57.31
CA PRO B 14 11.42 29.65 55.86
C PRO B 14 10.55 30.73 55.16
N GLU B 15 11.18 31.82 54.70
CA GLU B 15 10.44 32.90 54.07
C GLU B 15 11.05 33.37 52.75
N TYR B 16 10.28 33.33 51.68
CA TYR B 16 10.82 33.66 50.37
C TYR B 16 10.30 35.01 49.86
N LYS B 17 11.18 35.82 49.27
CA LYS B 17 10.82 37.17 48.87
C LYS B 17 11.09 37.47 47.39
N CYS B 18 10.28 38.35 46.82
CA CYS B 18 10.42 38.75 45.43
C CYS B 18 11.80 39.33 45.02
N ILE B 19 12.04 39.54 43.72
CA ILE B 19 13.25 40.22 43.22
C ILE B 19 13.08 40.82 41.80
N ASP B 20 12.40 41.96 41.70
CA ASP B 20 12.16 42.68 40.42
C ASP B 20 13.34 42.58 39.41
N SER B 21 13.03 42.26 38.14
CA SER B 21 14.06 42.12 37.10
C SER B 21 13.86 43.15 35.97
N GLN B 24 10.88 42.00 32.75
CA GLN B 24 9.77 41.10 32.35
C GLN B 24 8.78 40.74 33.53
N TYR B 25 9.24 40.00 34.54
CA TYR B 25 8.47 39.78 35.77
C TYR B 25 8.80 40.83 36.86
N ASP B 26 7.80 41.20 37.63
CA ASP B 26 8.03 42.09 38.77
C ASP B 26 8.16 41.30 40.08
N CYS B 27 8.18 39.97 40.00
CA CYS B 27 8.45 39.16 41.17
C CYS B 27 9.12 37.81 40.82
N VAL B 28 10.30 37.53 41.33
CA VAL B 28 10.97 36.28 40.98
C VAL B 28 11.46 35.59 42.23
N PHE B 29 10.74 34.59 42.72
CA PHE B 29 11.20 33.90 43.91
C PHE B 29 12.44 33.10 43.61
N TYR B 30 13.48 33.14 44.45
CA TYR B 30 14.69 32.35 44.15
C TYR B 30 14.86 31.16 45.09
N ASP B 31 15.69 30.21 44.68
CA ASP B 31 16.06 29.03 45.49
C ASP B 31 14.99 28.48 46.48
N VAL B 32 13.72 28.46 46.05
CA VAL B 32 12.63 27.80 46.82
C VAL B 32 12.58 26.29 46.58
N HIS B 33 12.55 25.48 47.64
CA HIS B 33 12.46 24.03 47.48
C HIS B 33 11.52 23.41 48.47
N ILE B 34 10.36 22.97 48.00
CA ILE B 34 9.36 22.29 48.80
C ILE B 34 9.30 20.81 48.33
N ASP B 35 9.10 19.90 49.28
CA ASP B 35 8.94 18.50 48.96
C ASP B 35 7.72 17.99 49.72
N MET B 36 7.59 16.67 49.87
CA MET B 36 6.30 16.12 50.25
C MET B 36 6.22 16.07 51.75
N GLN B 37 7.36 16.20 52.42
CA GLN B 37 7.35 16.24 53.87
C GLN B 37 7.16 17.68 54.38
N THR B 38 7.68 18.68 53.65
CA THR B 38 7.58 20.10 54.05
C THR B 38 6.21 20.48 54.65
N GLN B 39 6.23 21.02 55.86
CA GLN B 39 4.98 21.33 56.58
C GLN B 39 4.48 22.80 56.45
N ASP B 40 5.33 23.78 56.76
CA ASP B 40 4.91 25.20 56.77
C ASP B 40 5.85 26.11 55.99
N VAL B 41 5.28 26.92 55.11
CA VAL B 41 6.11 27.85 54.33
C VAL B 41 5.42 29.23 54.24
N TYR B 42 6.24 30.25 53.97
CA TYR B 42 5.77 31.63 54.00
C TYR B 42 6.32 32.35 52.75
N PHE B 43 5.45 33.11 52.08
CA PHE B 43 5.86 33.84 50.88
C PHE B 43 5.59 35.31 51.08
N GLY B 44 6.57 36.13 50.69
CA GLY B 44 6.53 37.57 50.87
C GLY B 44 6.46 38.10 52.31
N PHE B 45 5.93 39.31 52.46
CA PHE B 45 5.72 39.90 53.78
C PHE B 45 4.51 39.29 54.41
N GLU B 46 4.48 39.34 55.74
CA GLU B 46 3.36 38.88 56.55
C GLU B 46 2.11 39.73 56.29
N ASP B 47 2.31 40.97 55.84
CA ASP B 47 1.20 41.89 55.68
C ASP B 47 0.79 41.71 54.23
N ILE B 48 -0.16 40.82 54.01
CA ILE B 48 -0.42 40.34 52.65
C ILE B 48 -0.49 41.55 51.68
N THR B 49 -0.88 42.71 52.20
CA THR B 49 -1.10 43.88 51.33
C THR B 49 0.18 44.52 50.77
N LEU B 50 1.36 44.07 51.18
CA LEU B 50 2.60 44.58 50.57
C LEU B 50 2.94 43.70 49.41
N ASN B 51 2.23 42.61 49.30
CA ASN B 51 2.47 41.64 48.23
C ASN B 51 1.46 41.88 47.13
N ASN B 52 1.85 42.72 46.19
CA ASN B 52 0.90 43.16 45.20
C ASN B 52 1.62 43.14 43.90
N GLN B 53 2.64 42.30 43.84
CA GLN B 53 3.36 42.06 42.59
C GLN B 53 2.39 41.25 41.71
N LYS B 54 2.29 41.62 40.44
CA LYS B 54 1.26 41.05 39.53
C LYS B 54 1.80 39.94 38.54
N ILE B 55 3.10 39.86 38.35
CA ILE B 55 3.69 39.03 37.34
C ILE B 55 4.79 38.15 37.94
N VAL B 56 4.37 37.04 38.57
CA VAL B 56 5.23 36.16 39.40
C VAL B 56 5.88 34.90 38.70
N THR B 57 7.15 34.64 38.91
CA THR B 57 7.73 33.39 38.46
C THR B 57 8.76 32.84 39.51
N PHE B 58 9.38 31.70 39.27
CA PHE B 58 10.39 31.18 40.20
C PHE B 58 11.64 30.89 39.43
N LYS B 59 12.77 30.90 40.13
CA LYS B 59 14.06 30.59 39.51
C LYS B 59 14.77 29.61 40.43
N ASN B 60 15.57 28.69 39.90
CA ASN B 60 16.24 27.68 40.72
C ASN B 60 15.40 27.06 41.85
N SER B 61 14.15 26.70 41.52
CA SER B 61 13.21 26.21 42.49
C SER B 61 12.54 24.93 42.04
N THR B 62 12.07 24.16 43.02
CA THR B 62 11.40 22.91 42.74
C THR B 62 10.41 22.73 43.83
N MET B 63 9.17 22.66 43.45
CA MET B 63 8.05 22.56 44.38
C MET B 63 7.23 21.30 44.10
N ARG B 64 7.56 20.21 44.79
CA ARG B 64 6.84 18.95 44.60
C ARG B 64 5.35 19.18 44.79
N LYS B 65 4.96 20.05 45.70
CA LYS B 65 3.53 20.32 45.93
C LYS B 65 3.39 21.82 45.89
N LEU B 66 2.36 22.36 45.22
CA LEU B 66 2.21 23.80 45.14
C LEU B 66 1.48 24.22 46.37
N PRO B 67 2.12 25.05 47.19
CA PRO B 67 1.63 25.33 48.56
C PRO B 67 0.45 26.30 48.54
N ALA B 68 -0.51 26.13 49.44
CA ALA B 68 -1.57 27.13 49.57
C ALA B 68 -0.97 28.49 50.00
N ALA B 69 0.16 28.43 50.70
CA ALA B 69 0.79 29.64 51.21
C ALA B 69 1.06 30.71 50.15
N LEU B 70 1.17 30.35 48.88
CA LEU B 70 1.69 31.30 47.86
C LEU B 70 0.70 32.38 47.46
N LEU B 71 -0.51 31.97 47.09
CA LEU B 71 -1.53 32.92 46.65
C LEU B 71 -2.45 33.18 47.86
N ASP B 72 -2.08 32.62 49.00
CA ASP B 72 -2.67 33.02 50.25
C ASP B 72 -2.09 34.41 50.55
N SER B 73 -0.79 34.57 50.36
CA SER B 73 -0.09 35.80 50.67
C SER B 73 0.01 36.72 49.51
N PHE B 74 -0.28 36.24 48.30
CA PHE B 74 -0.24 37.09 47.08
C PHE B 74 -1.55 37.11 46.33
N ARG B 75 -2.39 38.13 46.52
CA ARG B 75 -3.74 38.02 46.03
C ARG B 75 -3.94 39.05 44.97
N GLN B 76 -2.86 39.31 44.25
CA GLN B 76 -2.81 40.37 43.27
C GLN B 76 -1.99 39.96 42.01
N VAL B 77 -1.89 38.64 41.83
CA VAL B 77 -1.13 38.14 40.71
C VAL B 77 -1.97 38.16 39.45
N GLU B 78 -1.41 38.63 38.36
CA GLU B 78 -2.10 38.53 37.08
C GLU B 78 -1.60 37.35 36.20
N LEU B 79 -0.28 37.17 36.14
CA LEU B 79 0.36 36.17 35.35
C LEU B 79 1.28 35.39 36.27
N LEU B 80 0.97 34.12 36.44
CA LEU B 80 1.66 33.24 37.34
C LEU B 80 2.35 32.20 36.48
N ASN B 81 3.67 32.19 36.46
CA ASN B 81 4.42 31.25 35.65
C ASN B 81 5.10 30.14 36.49
N LEU B 82 4.49 28.95 36.55
CA LEU B 82 4.98 27.81 37.28
C LEU B 82 5.54 26.73 36.35
N ASN B 83 6.06 27.16 35.22
CA ASN B 83 6.64 26.24 34.26
C ASN B 83 7.90 25.50 34.75
N ASP B 84 7.83 24.18 34.83
CA ASP B 84 9.04 23.38 34.93
C ASP B 84 9.62 23.54 36.30
N LEU B 85 8.81 23.19 37.30
CA LEU B 85 9.15 23.26 38.70
C LEU B 85 8.96 21.90 39.42
N GLN B 86 9.12 20.81 38.70
CA GLN B 86 8.75 19.50 39.22
C GLN B 86 7.51 19.48 40.10
N ILE B 87 6.52 20.30 39.81
CA ILE B 87 5.29 20.18 40.56
C ILE B 87 4.69 18.78 40.30
N GLU B 88 4.30 18.07 41.37
CA GLU B 88 3.59 16.82 41.27
C GLU B 88 2.18 16.90 41.79
N GLU B 89 1.90 17.80 42.73
CA GLU B 89 0.55 17.87 43.30
C GLU B 89 0.13 19.30 43.46
N ILE B 90 -1.13 19.61 43.28
CA ILE B 90 -1.57 20.96 43.59
C ILE B 90 -2.38 20.90 44.86
N ASP B 91 -2.06 21.75 45.84
CA ASP B 91 -2.78 21.79 47.12
C ASP B 91 -4.25 22.04 46.91
N THR B 92 -5.08 21.29 47.57
CA THR B 92 -6.51 21.36 47.32
C THR B 92 -7.06 22.80 47.27
N TYR B 93 -6.36 23.76 47.87
CA TYR B 93 -6.83 25.13 47.99
C TYR B 93 -5.79 26.18 47.55
N ALA B 94 -4.78 25.76 46.80
CA ALA B 94 -3.75 26.72 46.39
C ALA B 94 -4.32 27.92 45.66
N PHE B 95 -5.53 27.82 45.10
CA PHE B 95 -6.09 28.88 44.25
C PHE B 95 -7.34 29.51 44.85
N ALA B 96 -7.47 29.47 46.16
CA ALA B 96 -8.70 29.93 46.77
C ALA B 96 -8.77 31.45 46.75
N TYR B 97 -7.60 32.06 46.75
CA TYR B 97 -7.47 33.50 46.79
C TYR B 97 -6.90 34.05 45.51
N ALA B 98 -7.30 33.49 44.39
CA ALA B 98 -6.57 33.81 43.16
C ALA B 98 -7.42 34.54 42.16
N HIS B 99 -8.49 35.11 42.68
CA HIS B 99 -9.41 36.01 41.96
C HIS B 99 -8.88 36.85 40.79
N THR B 100 -7.60 37.19 40.83
CA THR B 100 -7.06 38.10 39.86
C THR B 100 -6.21 37.44 38.79
N ILE B 101 -6.05 36.12 38.82
CA ILE B 101 -5.11 35.55 37.88
C ILE B 101 -5.73 35.56 36.50
N GLN B 102 -5.10 36.23 35.56
CA GLN B 102 -5.57 36.13 34.19
C GLN B 102 -4.89 35.01 33.37
N LYS B 103 -3.61 34.80 33.59
CA LYS B 103 -2.85 33.88 32.81
C LYS B 103 -2.09 32.95 33.75
N LEU B 104 -2.32 31.64 33.62
CA LEU B 104 -1.71 30.62 34.49
C LEU B 104 -0.89 29.59 33.67
N TYR B 105 0.42 29.58 33.84
CA TYR B 105 1.31 28.70 33.08
C TYR B 105 1.85 27.62 33.97
N MET B 106 1.50 26.34 33.72
CA MET B 106 1.95 25.21 34.53
C MET B 106 2.47 24.04 33.68
N GLY B 107 3.05 24.38 32.54
CA GLY B 107 3.57 23.35 31.68
C GLY B 107 4.81 22.63 32.17
N PHE B 108 5.07 21.48 31.57
CA PHE B 108 6.29 20.74 31.84
C PHE B 108 6.51 20.44 33.32
N ASN B 109 5.51 19.87 33.97
CA ASN B 109 5.70 19.33 35.31
C ASN B 109 5.38 17.83 35.40
N ALA B 110 4.76 17.39 36.50
CA ALA B 110 4.44 15.98 36.67
C ALA B 110 3.15 15.91 37.44
N ILE B 111 2.26 16.85 37.19
CA ILE B 111 0.97 16.88 37.84
C ILE B 111 0.11 15.67 37.39
N ARG B 112 -0.31 14.83 38.34
CA ARG B 112 -1.12 13.66 38.00
C ARG B 112 -2.63 13.93 38.04
N TYR B 113 -3.08 14.91 38.78
CA TYR B 113 -4.54 15.13 38.79
C TYR B 113 -4.82 16.57 39.18
N LEU B 114 -5.91 17.14 38.68
CA LEU B 114 -6.40 18.41 39.17
C LEU B 114 -7.51 18.20 40.20
N PRO B 115 -7.43 18.86 41.35
CA PRO B 115 -8.49 18.78 42.36
C PRO B 115 -9.76 19.41 41.83
N PRO B 116 -10.92 18.83 42.14
CA PRO B 116 -12.17 19.19 41.45
C PRO B 116 -12.56 20.69 41.37
N HIS B 117 -12.26 21.49 42.37
CA HIS B 117 -12.70 22.87 42.25
C HIS B 117 -11.49 23.73 42.29
N VAL B 118 -10.46 23.21 41.68
CA VAL B 118 -9.22 23.92 41.75
C VAL B 118 -9.34 25.26 41.04
N PHE B 119 -10.20 25.41 40.05
CA PHE B 119 -10.31 26.73 39.44
C PHE B 119 -11.67 27.33 39.65
N GLN B 120 -12.23 27.12 40.82
CA GLN B 120 -13.52 27.66 41.08
C GLN B 120 -13.43 29.16 41.42
N ASN B 121 -12.24 29.66 41.66
CA ASN B 121 -12.14 31.03 42.08
C ASN B 121 -11.16 31.84 41.25
N VAL B 122 -10.91 31.44 40.01
CA VAL B 122 -10.10 32.27 39.13
C VAL B 122 -10.94 32.67 37.95
N PRO B 123 -12.00 33.46 38.18
CA PRO B 123 -12.94 33.72 37.09
C PRO B 123 -12.47 34.71 36.04
N LEU B 124 -11.25 35.20 36.11
CA LEU B 124 -10.77 36.07 35.07
C LEU B 124 -9.72 35.34 34.25
N LEU B 125 -9.64 34.01 34.45
CA LEU B 125 -8.73 33.15 33.66
C LEU B 125 -8.93 33.25 32.14
N THR B 126 -7.89 33.67 31.42
CA THR B 126 -7.98 33.74 29.96
C THR B 126 -6.98 32.82 29.31
N VAL B 127 -5.86 32.53 29.95
CA VAL B 127 -4.90 31.65 29.37
C VAL B 127 -4.47 30.63 30.37
N LEU B 128 -4.48 29.34 29.99
CA LEU B 128 -4.15 28.23 30.88
C LEU B 128 -3.32 27.17 30.12
N VAL B 129 -2.06 26.99 30.50
CA VAL B 129 -1.27 25.95 29.95
C VAL B 129 -0.93 24.84 30.95
N LEU B 130 -1.34 23.62 30.62
CA LEU B 130 -1.12 22.46 31.46
C LEU B 130 -0.41 21.43 30.60
N GLU B 131 0.16 21.88 29.50
CA GLU B 131 0.82 20.93 28.62
C GLU B 131 1.93 20.20 29.34
N ARG B 132 2.20 18.98 28.87
CA ARG B 132 3.26 18.13 29.32
C ARG B 132 3.13 17.88 30.83
N ASN B 133 2.01 17.30 31.23
CA ASN B 133 1.88 16.71 32.53
C ASN B 133 1.49 15.23 32.47
N ASP B 134 0.78 14.75 33.51
CA ASP B 134 0.33 13.36 33.62
C ASP B 134 -1.13 13.26 33.90
N LEU B 135 -1.89 14.21 33.39
CA LEU B 135 -3.33 14.16 33.52
C LEU B 135 -3.93 12.91 32.84
N SER B 136 -4.89 12.25 33.47
CA SER B 136 -5.50 11.07 32.91
C SER B 136 -6.94 11.34 32.65
N SER B 137 -7.47 12.31 33.36
CA SER B 137 -8.85 12.75 33.17
C SER B 137 -9.06 14.14 33.79
N LEU B 138 -10.14 14.79 33.40
CA LEU B 138 -10.52 16.03 33.99
C LEU B 138 -11.73 15.74 34.85
N PRO B 139 -11.77 16.33 36.05
CA PRO B 139 -12.94 16.33 36.93
C PRO B 139 -14.12 17.10 36.36
N ARG B 140 -15.32 16.52 36.49
CA ARG B 140 -16.55 17.19 36.05
C ARG B 140 -16.55 18.58 36.64
N GLY B 141 -16.95 19.54 35.83
CA GLY B 141 -17.00 20.94 36.27
C GLY B 141 -15.68 21.68 36.36
N ILE B 142 -14.59 21.12 35.82
CA ILE B 142 -13.26 21.75 35.93
C ILE B 142 -13.18 23.17 35.39
N PHE B 143 -14.01 23.51 34.39
CA PHE B 143 -14.00 24.81 33.75
C PHE B 143 -15.34 25.47 33.79
N HIS B 144 -16.31 24.89 34.50
CA HIS B 144 -17.63 25.53 34.62
C HIS B 144 -17.65 26.96 35.20
N ASN B 145 -16.48 27.42 35.65
CA ASN B 145 -16.34 28.73 36.20
C ASN B 145 -15.26 29.56 35.62
N THR B 146 -14.82 29.31 34.40
CA THR B 146 -13.82 30.20 33.81
C THR B 146 -14.31 30.68 32.48
N PRO B 147 -15.42 31.39 32.48
CA PRO B 147 -16.07 31.74 31.22
C PRO B 147 -15.21 32.60 30.39
N LYS B 148 -14.11 33.07 30.90
CA LYS B 148 -13.33 33.97 30.09
C LYS B 148 -12.18 33.26 29.46
N LEU B 149 -12.16 31.93 29.48
CA LEU B 149 -10.99 31.17 29.04
C LEU B 149 -10.76 31.33 27.52
N THR B 150 -9.64 31.90 27.07
CA THR B 150 -9.52 31.98 25.61
C THR B 150 -8.48 31.04 24.98
N THR B 151 -7.55 30.56 25.76
CA THR B 151 -6.50 29.71 25.22
C THR B 151 -6.26 28.65 26.24
N LEU B 152 -6.23 27.41 25.80
CA LEU B 152 -6.10 26.29 26.71
C LEU B 152 -5.26 25.26 26.06
N SER B 153 -4.23 24.82 26.74
CA SER B 153 -3.36 23.78 26.17
C SER B 153 -3.27 22.63 27.13
N MET B 154 -3.44 21.40 26.64
CA MET B 154 -3.15 20.23 27.44
C MET B 154 -2.48 19.16 26.60
N SER B 155 -1.95 19.56 25.47
CA SER B 155 -0.99 18.75 24.74
C SER B 155 -0.04 18.00 25.65
N ASN B 156 0.35 16.81 25.21
CA ASN B 156 1.18 15.92 25.98
C ASN B 156 0.68 15.55 27.43
N ASN B 157 -0.55 15.08 27.55
CA ASN B 157 -0.97 14.40 28.78
C ASN B 157 -1.42 13.00 28.46
N ASN B 158 -2.08 12.29 29.37
CA ASN B 158 -2.59 10.94 29.04
C ASN B 158 -4.11 10.88 29.03
N LEU B 159 -4.76 11.94 28.55
CA LEU B 159 -6.20 12.06 28.63
C LEU B 159 -6.82 11.04 27.69
N GLU B 160 -7.92 10.40 28.13
CA GLU B 160 -8.67 9.47 27.28
C GLU B 160 -9.99 10.06 26.77
N ARG B 161 -10.65 10.95 27.51
CA ARG B 161 -11.88 11.55 27.07
C ARG B 161 -11.96 13.03 27.51
N ILE B 162 -12.55 13.88 26.69
CA ILE B 162 -12.95 15.17 27.10
C ILE B 162 -14.47 14.99 27.03
N GLU B 163 -15.16 14.91 28.19
CA GLU B 163 -16.62 14.80 28.22
C GLU B 163 -17.29 16.03 27.62
N ASP B 164 -18.52 15.87 27.13
CA ASP B 164 -19.17 16.98 26.42
C ASP B 164 -19.52 18.24 27.22
N ASP B 165 -19.47 18.23 28.55
CA ASP B 165 -19.92 19.41 29.31
C ASP B 165 -18.73 20.27 29.61
N THR B 166 -17.55 19.74 29.29
CA THR B 166 -16.30 20.31 29.71
C THR B 166 -16.23 21.77 29.37
N PHE B 167 -16.67 22.13 28.16
CA PHE B 167 -16.53 23.48 27.67
C PHE B 167 -17.81 24.30 27.51
N GLN B 168 -18.90 23.90 28.21
CA GLN B 168 -20.21 24.53 28.12
C GLN B 168 -20.21 25.99 28.60
N ALA B 169 -19.32 26.33 29.52
CA ALA B 169 -19.31 27.68 30.01
C ALA B 169 -18.19 28.50 29.40
N THR B 170 -17.30 27.88 28.62
CA THR B 170 -16.19 28.66 28.02
C THR B 170 -16.55 29.01 26.58
N THR B 171 -17.45 29.98 26.46
CA THR B 171 -18.03 30.41 25.18
C THR B 171 -17.18 31.51 24.55
N SER B 172 -15.89 31.48 24.83
CA SER B 172 -14.96 32.36 24.14
C SER B 172 -13.71 31.59 23.78
N LEU B 173 -13.69 30.29 24.07
CA LEU B 173 -12.50 29.49 23.90
C LEU B 173 -12.13 29.53 22.43
N GLN B 174 -10.99 30.13 22.14
CA GLN B 174 -10.54 30.30 20.76
C GLN B 174 -9.37 29.41 20.33
N ASN B 175 -8.46 29.08 21.22
CA ASN B 175 -7.33 28.34 20.81
C ASN B 175 -7.23 27.18 21.76
N LEU B 176 -7.48 25.94 21.27
CA LEU B 176 -7.47 24.69 22.06
C LEU B 176 -6.36 23.71 21.57
N GLN B 177 -5.38 23.42 22.45
CA GLN B 177 -4.33 22.45 22.14
C GLN B 177 -4.52 21.18 23.00
N LEU B 178 -4.74 20.02 22.33
CA LEU B 178 -4.92 18.71 23.00
C LEU B 178 -4.03 17.66 22.37
N SER B 179 -3.11 18.14 21.58
CA SER B 179 -2.23 17.30 20.83
C SER B 179 -1.54 16.26 21.72
N SER B 180 -1.41 15.05 21.20
CA SER B 180 -0.57 14.03 21.78
C SER B 180 -1.01 13.53 23.17
N ASN B 181 -2.31 13.27 23.29
CA ASN B 181 -2.86 12.51 24.42
C ASN B 181 -3.26 11.07 24.01
N ARG B 182 -4.34 10.55 24.55
CA ARG B 182 -4.76 9.21 24.24
C ARG B 182 -6.25 9.25 23.92
N LEU B 183 -6.68 10.35 23.30
CA LEU B 183 -8.08 10.71 23.22
C LEU B 183 -8.88 9.80 22.29
N THR B 184 -9.97 9.19 22.78
CA THR B 184 -10.85 8.47 21.87
C THR B 184 -12.13 9.19 21.69
N HIS B 185 -12.43 10.18 22.52
CA HIS B 185 -13.61 11.06 22.27
C HIS B 185 -13.38 12.51 22.69
N VAL B 186 -13.71 13.42 21.80
CA VAL B 186 -13.76 14.80 22.15
C VAL B 186 -14.56 15.43 21.08
N ASP B 187 -15.61 16.18 21.44
CA ASP B 187 -16.48 16.75 20.46
C ASP B 187 -16.23 18.24 20.38
N LEU B 188 -15.31 18.61 19.50
CA LEU B 188 -15.09 19.99 19.17
C LEU B 188 -16.30 20.72 18.60
N SER B 189 -17.28 20.03 18.03
CA SER B 189 -18.39 20.78 17.43
C SER B 189 -19.23 21.43 18.55
N LEU B 190 -19.05 21.03 19.82
CA LEU B 190 -19.79 21.64 20.93
C LEU B 190 -19.18 22.96 21.45
N ILE B 191 -18.12 23.45 20.80
CA ILE B 191 -17.40 24.65 21.19
C ILE B 191 -17.32 25.62 20.00
N PRO B 192 -18.42 26.30 19.72
CA PRO B 192 -18.55 27.04 18.48
C PRO B 192 -17.69 28.24 18.40
N SER B 193 -16.99 28.61 19.44
CA SER B 193 -16.10 29.78 19.37
C SER B 193 -14.70 29.43 18.84
N LEU B 194 -14.39 28.15 18.62
CA LEU B 194 -13.03 27.76 18.33
C LEU B 194 -12.55 28.49 17.10
N PHE B 195 -11.34 29.00 17.22
CA PHE B 195 -10.63 29.64 16.14
C PHE B 195 -9.45 28.80 15.67
N HIS B 196 -8.64 28.22 16.58
CA HIS B 196 -7.55 27.34 16.20
C HIS B 196 -7.68 26.09 17.08
N ALA B 197 -7.43 24.89 16.54
CA ALA B 197 -7.38 23.73 17.40
C ALA B 197 -6.47 22.64 16.87
N ASN B 198 -5.87 21.88 17.76
CA ASN B 198 -4.95 20.84 17.39
C ASN B 198 -5.25 19.65 18.29
N VAL B 199 -5.84 18.59 17.73
CA VAL B 199 -6.04 17.34 18.46
C VAL B 199 -5.24 16.24 17.77
N SER B 200 -4.21 16.61 17.02
CA SER B 200 -3.30 15.63 16.45
C SER B 200 -2.69 14.60 17.43
N TYR B 201 -2.36 13.43 16.91
CA TYR B 201 -1.67 12.39 17.70
C TYR B 201 -2.55 11.95 18.87
N ASN B 202 -3.82 11.71 18.59
CA ASN B 202 -4.68 11.03 19.51
C ASN B 202 -5.23 9.72 18.93
N LEU B 203 -6.32 9.20 19.49
CA LEU B 203 -6.91 7.93 19.04
C LEU B 203 -8.33 8.14 18.46
N LEU B 204 -8.57 9.27 17.89
CA LEU B 204 -9.88 9.57 17.44
C LEU B 204 -10.32 8.73 16.19
N SER B 205 -11.60 8.47 16.05
CA SER B 205 -12.01 7.80 14.83
C SER B 205 -13.18 8.56 14.13
N THR B 206 -13.76 9.49 14.84
CA THR B 206 -14.70 10.39 14.21
C THR B 206 -14.26 11.78 14.59
N LEU B 207 -14.46 12.75 13.71
CA LEU B 207 -14.02 14.10 13.98
C LEU B 207 -15.19 15.09 13.82
N ALA B 208 -15.77 15.62 14.89
CA ALA B 208 -16.83 16.60 14.68
C ALA B 208 -16.16 17.96 14.57
N ILE B 209 -16.55 18.79 13.61
CA ILE B 209 -15.84 20.04 13.33
C ILE B 209 -16.76 21.22 13.58
N PRO B 210 -16.34 22.14 14.45
CA PRO B 210 -17.32 23.13 14.90
C PRO B 210 -17.49 24.16 13.82
N ILE B 211 -18.40 25.10 14.05
CA ILE B 211 -18.96 25.85 12.94
C ILE B 211 -18.04 26.91 12.32
N ALA B 212 -17.01 27.35 13.04
CA ALA B 212 -16.27 28.54 12.59
C ALA B 212 -14.80 28.43 12.77
N VAL B 213 -14.27 27.24 13.04
CA VAL B 213 -12.86 27.12 13.29
C VAL B 213 -12.16 27.32 11.96
N GLU B 214 -10.98 27.91 12.03
CA GLU B 214 -10.38 28.43 10.84
C GLU B 214 -9.07 27.64 10.50
N GLU B 215 -8.45 27.06 11.53
CA GLU B 215 -7.33 26.16 11.34
C GLU B 215 -7.47 24.96 12.27
N LEU B 216 -7.54 23.73 11.72
CA LEU B 216 -7.73 22.53 12.54
C LEU B 216 -6.78 21.46 12.07
N ASP B 217 -6.04 20.86 13.01
CA ASP B 217 -5.06 19.85 12.75
C ASP B 217 -5.51 18.64 13.55
N ALA B 218 -5.92 17.59 12.82
CA ALA B 218 -6.34 16.35 13.47
C ALA B 218 -5.59 15.19 12.87
N SER B 219 -4.40 15.45 12.37
CA SER B 219 -3.53 14.46 11.78
C SER B 219 -3.12 13.44 12.80
N HIS B 220 -2.61 12.31 12.35
CA HIS B 220 -2.24 11.19 13.21
C HIS B 220 -3.36 10.73 14.15
N ASN B 221 -4.55 10.50 13.62
CA ASN B 221 -5.55 9.77 14.38
C ASN B 221 -5.95 8.44 13.67
N SER B 222 -7.17 7.96 13.86
CA SER B 222 -7.74 7.02 12.95
C SER B 222 -9.08 7.49 12.42
N ILE B 223 -9.18 8.70 11.92
CA ILE B 223 -10.49 9.24 11.60
C ILE B 223 -11.02 8.58 10.32
N ASN B 224 -12.28 8.18 10.29
CA ASN B 224 -12.88 7.74 9.04
C ASN B 224 -14.14 8.48 8.77
N VAL B 225 -14.60 9.30 9.71
CA VAL B 225 -15.85 9.99 9.54
C VAL B 225 -15.67 11.42 9.98
N VAL B 226 -16.02 12.37 9.15
CA VAL B 226 -15.99 13.76 9.53
C VAL B 226 -17.44 14.30 9.56
N ARG B 227 -17.80 15.11 10.56
CA ARG B 227 -19.14 15.67 10.67
C ARG B 227 -19.14 17.06 11.31
N GLY B 228 -20.24 17.81 11.19
CA GLY B 228 -20.41 19.11 11.79
C GLY B 228 -21.10 19.98 10.78
N PRO B 229 -21.52 21.17 11.21
CA PRO B 229 -22.27 22.07 10.35
C PRO B 229 -21.45 22.56 9.17
N VAL B 230 -22.06 22.90 8.03
CA VAL B 230 -21.28 23.61 7.03
C VAL B 230 -20.40 24.73 7.70
N ASN B 231 -19.12 24.83 7.35
CA ASN B 231 -18.26 25.85 7.98
C ASN B 231 -17.43 26.55 6.95
N VAL B 232 -17.70 27.82 6.74
CA VAL B 232 -17.18 28.46 5.55
C VAL B 232 -15.84 29.15 5.87
N GLU B 233 -15.43 29.13 7.12
CA GLU B 233 -14.26 29.85 7.48
C GLU B 233 -13.03 28.98 7.48
N LEU B 234 -13.24 27.64 7.56
CA LEU B 234 -12.14 26.65 7.69
C LEU B 234 -11.18 26.79 6.51
N THR B 235 -9.95 27.13 6.85
CA THR B 235 -8.93 27.48 5.86
C THR B 235 -7.81 26.45 5.72
N ILE B 236 -7.19 26.07 6.83
CA ILE B 236 -6.22 24.98 6.86
C ILE B 236 -6.72 23.75 7.65
N LEU B 237 -6.80 22.61 6.98
CA LEU B 237 -7.28 21.39 7.59
C LEU B 237 -6.21 20.30 7.39
N LYS B 238 -5.61 19.86 8.48
CA LYS B 238 -4.58 18.85 8.39
C LYS B 238 -5.18 17.49 8.83
N LEU B 239 -5.25 16.51 7.92
CA LEU B 239 -5.80 15.20 8.29
C LEU B 239 -4.80 14.14 7.85
N GLN B 240 -3.56 14.53 7.59
CA GLN B 240 -2.66 13.50 7.15
C GLN B 240 -2.59 12.40 8.22
N HIS B 241 -2.35 11.15 7.79
CA HIS B 241 -2.18 10.04 8.75
C HIS B 241 -3.52 9.67 9.49
N ASN B 242 -4.45 9.15 8.72
CA ASN B 242 -5.74 8.76 9.24
C ASN B 242 -6.31 7.54 8.47
N ASN B 243 -7.61 7.28 8.67
CA ASN B 243 -8.33 6.15 8.11
C ASN B 243 -9.47 6.59 7.17
N LEU B 244 -9.22 7.63 6.41
CA LEU B 244 -10.23 8.18 5.51
C LEU B 244 -10.40 7.34 4.24
N THR B 245 -11.64 7.14 3.83
CA THR B 245 -11.89 6.31 2.66
C THR B 245 -12.84 6.94 1.73
N ASP B 246 -13.48 8.04 2.10
CA ASP B 246 -14.16 8.79 1.07
C ASP B 246 -13.86 10.29 1.27
N THR B 247 -14.23 11.13 0.31
CA THR B 247 -14.01 12.54 0.46
C THR B 247 -15.29 13.39 0.33
N ALA B 248 -16.45 12.77 0.23
CA ALA B 248 -17.65 13.56 -0.02
C ALA B 248 -17.86 14.63 1.07
N TRP B 249 -17.34 14.39 2.27
CA TRP B 249 -17.60 15.32 3.37
C TRP B 249 -17.03 16.71 3.07
N LEU B 250 -16.05 16.78 2.19
CA LEU B 250 -15.39 18.05 1.90
C LEU B 250 -16.36 19.09 1.38
N LEU B 251 -17.53 18.65 0.97
CA LEU B 251 -18.43 19.57 0.31
C LEU B 251 -18.78 20.62 1.33
N ASN B 252 -18.74 20.25 2.61
CA ASN B 252 -19.15 21.15 3.69
C ASN B 252 -18.14 22.24 4.08
N TYR B 253 -16.98 22.36 3.43
CA TYR B 253 -15.98 23.30 3.90
C TYR B 253 -15.53 24.18 2.75
N PRO B 254 -16.45 24.99 2.21
CA PRO B 254 -16.19 25.68 0.95
C PRO B 254 -15.05 26.65 1.03
N GLY B 255 -14.59 27.00 2.21
CA GLY B 255 -13.49 27.96 2.33
C GLY B 255 -12.06 27.45 2.45
N LEU B 256 -11.81 26.16 2.31
CA LEU B 256 -10.47 25.67 2.51
C LEU B 256 -9.47 26.32 1.58
N VAL B 257 -8.25 26.47 2.03
CA VAL B 257 -7.19 27.02 1.19
C VAL B 257 -6.17 25.90 1.02
N GLU B 258 -5.89 25.20 2.12
CA GLU B 258 -5.11 24.00 2.07
C GLU B 258 -5.80 22.83 2.79
N VAL B 259 -5.80 21.64 2.19
CA VAL B 259 -6.19 20.46 2.96
C VAL B 259 -5.21 19.32 2.73
N ASP B 260 -4.81 18.63 3.81
CA ASP B 260 -3.81 17.57 3.69
C ASP B 260 -4.44 16.22 4.02
N LEU B 261 -4.63 15.40 2.98
CA LEU B 261 -5.25 14.09 3.12
C LEU B 261 -4.25 12.96 2.95
N SER B 262 -2.97 13.28 2.89
CA SER B 262 -1.88 12.33 2.86
C SER B 262 -2.02 11.20 3.81
N TYR B 263 -1.40 10.07 3.49
CA TYR B 263 -1.39 8.94 4.42
C TYR B 263 -2.80 8.63 4.95
N ASN B 264 -3.74 8.65 4.01
CA ASN B 264 -5.04 8.07 4.26
C ASN B 264 -5.27 6.79 3.41
N GLU B 265 -6.52 6.35 3.33
CA GLU B 265 -6.83 5.12 2.62
C GLU B 265 -7.69 5.35 1.38
N LEU B 266 -7.53 6.50 0.75
CA LEU B 266 -8.36 6.88 -0.38
C LEU B 266 -7.96 6.03 -1.61
N GLU B 267 -8.98 5.58 -2.33
CA GLU B 267 -8.76 4.84 -3.58
C GLU B 267 -9.05 5.61 -4.89
N LYS B 268 -9.90 6.63 -4.86
CA LYS B 268 -10.00 7.53 -5.97
C LYS B 268 -10.32 8.97 -5.57
N ILE B 269 -10.06 9.91 -6.47
CA ILE B 269 -10.42 11.28 -6.25
C ILE B 269 -11.29 11.69 -7.43
N MET B 270 -12.41 12.36 -7.17
CA MET B 270 -13.30 12.85 -8.21
C MET B 270 -13.44 14.33 -7.94
N TYR B 271 -13.91 15.11 -8.90
CA TYR B 271 -14.07 16.50 -8.63
C TYR B 271 -15.28 16.84 -7.80
N HIS B 272 -16.22 15.93 -7.61
CA HIS B 272 -17.55 16.32 -7.10
C HIS B 272 -17.50 16.95 -5.72
N PRO B 273 -16.70 16.35 -4.80
CA PRO B 273 -16.64 16.97 -3.49
C PRO B 273 -15.92 18.36 -3.47
N PHE B 274 -15.23 18.77 -4.53
CA PHE B 274 -14.55 20.06 -4.56
C PHE B 274 -15.32 21.19 -5.32
N VAL B 275 -16.51 20.95 -5.83
CA VAL B 275 -17.05 21.97 -6.73
C VAL B 275 -17.39 23.30 -6.04
N LYS B 276 -17.46 23.34 -4.70
CA LYS B 276 -17.84 24.55 -4.03
C LYS B 276 -16.68 25.33 -3.48
N MET B 277 -15.45 24.89 -3.74
CA MET B 277 -14.30 25.57 -3.19
C MET B 277 -13.84 26.73 -4.01
N GLN B 278 -14.16 27.88 -3.48
CA GLN B 278 -13.93 29.14 -4.14
C GLN B 278 -12.43 29.60 -4.10
N ARG B 279 -11.67 29.13 -3.12
CA ARG B 279 -10.25 29.53 -2.96
C ARG B 279 -9.24 28.42 -2.55
N LEU B 280 -9.48 27.15 -2.89
CA LEU B 280 -8.52 26.08 -2.54
C LEU B 280 -7.26 26.16 -3.35
N GLU B 281 -6.11 26.13 -2.71
CA GLU B 281 -4.84 26.35 -3.38
C GLU B 281 -3.97 25.17 -3.26
N ARG B 282 -4.14 24.42 -2.17
CA ARG B 282 -3.17 23.40 -1.84
C ARG B 282 -3.86 22.08 -1.39
N LEU B 283 -3.73 21.01 -2.20
CA LEU B 283 -4.38 19.73 -1.95
C LEU B 283 -3.37 18.56 -1.93
N TYR B 284 -3.11 18.01 -0.77
CA TYR B 284 -2.08 16.98 -0.60
C TYR B 284 -2.74 15.63 -0.46
N ILE B 285 -2.34 14.64 -1.27
CA ILE B 285 -2.97 13.34 -1.28
C ILE B 285 -1.90 12.28 -1.47
N SER B 286 -0.67 12.56 -1.07
CA SER B 286 0.38 11.56 -1.21
C SER B 286 -0.01 10.31 -0.42
N ASN B 287 0.58 9.16 -0.78
CA ASN B 287 0.53 8.00 0.10
C ASN B 287 -0.88 7.48 0.50
N ASN B 288 -1.82 7.57 -0.42
CA ASN B 288 -3.04 6.87 -0.24
C ASN B 288 -3.01 5.53 -1.04
N ARG B 289 -4.09 5.20 -1.75
CA ARG B 289 -4.14 4.03 -2.59
C ARG B 289 -4.83 4.40 -3.87
N LEU B 290 -4.57 5.61 -4.35
CA LEU B 290 -5.29 6.16 -5.52
C LEU B 290 -5.07 5.22 -6.70
N VAL B 291 -6.13 4.69 -7.28
CA VAL B 291 -6.00 4.07 -8.59
C VAL B 291 -6.65 4.85 -9.72
N ALA B 292 -7.35 5.96 -9.42
CA ALA B 292 -8.05 6.76 -10.44
C ALA B 292 -8.15 8.19 -9.99
N LEU B 293 -8.17 9.12 -10.93
CA LEU B 293 -8.28 10.50 -10.60
C LEU B 293 -8.99 11.21 -11.72
N ASN B 294 -10.08 11.91 -11.37
CA ASN B 294 -10.78 12.76 -12.34
C ASN B 294 -11.06 14.16 -11.72
N LEU B 295 -10.22 15.12 -12.05
CA LEU B 295 -10.38 16.44 -11.55
C LEU B 295 -10.61 17.35 -12.75
N TYR B 296 -11.00 16.78 -13.88
CA TYR B 296 -11.10 17.52 -15.15
C TYR B 296 -12.55 17.86 -15.54
N GLY B 297 -13.47 17.06 -15.01
CA GLY B 297 -14.89 17.21 -15.17
C GLY B 297 -15.19 18.62 -14.77
N GLN B 298 -14.70 18.99 -13.59
CA GLN B 298 -14.75 20.39 -13.19
C GLN B 298 -13.47 20.83 -12.52
N PRO B 299 -12.61 21.50 -13.25
CA PRO B 299 -11.35 21.73 -12.58
C PRO B 299 -11.53 22.63 -11.41
N ILE B 300 -10.61 22.55 -10.44
CA ILE B 300 -10.49 23.55 -9.39
C ILE B 300 -9.63 24.72 -9.89
N PRO B 301 -10.24 25.83 -10.28
CA PRO B 301 -9.52 26.89 -10.98
C PRO B 301 -8.43 27.55 -10.15
N THR B 302 -8.60 27.61 -8.83
CA THR B 302 -7.59 28.29 -8.05
C THR B 302 -6.43 27.43 -7.57
N LEU B 303 -6.49 26.11 -7.67
CA LEU B 303 -5.47 25.24 -7.14
C LEU B 303 -4.01 25.55 -7.60
N LYS B 304 -3.02 25.47 -6.71
CA LYS B 304 -1.65 25.68 -7.17
C LYS B 304 -0.77 24.50 -6.95
N VAL B 305 -0.97 23.79 -5.85
CA VAL B 305 -0.09 22.66 -5.52
C VAL B 305 -0.97 21.44 -5.41
N LEU B 306 -0.64 20.37 -6.11
CA LEU B 306 -1.40 19.14 -6.03
C LEU B 306 -0.37 18.02 -5.93
N ASP B 307 -0.35 17.36 -4.78
CA ASP B 307 0.60 16.26 -4.55
C ASP B 307 -0.12 14.90 -4.63
N LEU B 308 0.12 14.12 -5.68
CA LEU B 308 -0.47 12.80 -5.82
C LEU B 308 0.59 11.74 -5.72
N SER B 309 1.76 12.03 -5.19
CA SER B 309 2.85 11.12 -5.32
C SER B 309 2.67 9.90 -4.41
N HIS B 310 3.35 8.80 -4.73
CA HIS B 310 3.24 7.57 -3.95
C HIS B 310 1.80 7.04 -3.89
N ASN B 311 1.21 6.80 -5.04
CA ASN B 311 -0.07 6.08 -5.11
C ASN B 311 -0.03 5.00 -6.20
N HIS B 312 -1.16 4.66 -6.80
CA HIS B 312 -1.15 3.65 -7.84
C HIS B 312 -1.72 4.14 -9.12
N LEU B 313 -1.69 5.46 -9.34
CA LEU B 313 -2.19 6.09 -10.57
C LEU B 313 -1.54 5.48 -11.79
N LEU B 314 -2.39 5.34 -12.80
CA LEU B 314 -2.09 4.62 -14.04
C LEU B 314 -2.39 5.48 -15.24
N HIS B 315 -3.65 5.87 -15.36
CA HIS B 315 -4.06 6.77 -16.41
C HIS B 315 -4.56 8.14 -15.89
N VAL B 316 -3.78 9.21 -16.10
CA VAL B 316 -4.15 10.51 -15.56
C VAL B 316 -4.27 11.57 -16.66
N GLU B 317 -3.89 11.25 -17.87
CA GLU B 317 -3.80 12.21 -18.96
C GLU B 317 -5.04 13.10 -19.20
N ARG B 318 -6.26 12.62 -18.92
CA ARG B 318 -7.43 13.43 -19.16
C ARG B 318 -7.58 14.54 -18.16
N ASN B 319 -6.81 14.47 -17.08
CA ASN B 319 -6.70 15.60 -16.16
C ASN B 319 -5.93 16.80 -16.68
N GLN B 320 -5.59 16.78 -17.97
CA GLN B 320 -4.83 17.87 -18.54
C GLN B 320 -5.41 19.25 -18.14
N PRO B 321 -6.75 19.42 -18.21
CA PRO B 321 -7.24 20.79 -17.94
C PRO B 321 -7.02 21.25 -16.51
N GLN B 322 -6.91 20.36 -15.52
CA GLN B 322 -6.49 20.79 -14.19
C GLN B 322 -4.97 20.95 -14.13
N PHE B 323 -4.24 20.02 -14.70
CA PHE B 323 -2.76 20.07 -14.56
C PHE B 323 -2.13 21.34 -15.19
N ASP B 324 -2.57 21.72 -16.39
CA ASP B 324 -2.17 22.93 -17.06
C ASP B 324 -2.24 24.15 -16.15
N ARG B 325 -3.14 24.15 -15.15
CA ARG B 325 -3.40 25.33 -14.37
C ARG B 325 -2.61 25.37 -13.07
N LEU B 326 -1.88 24.30 -12.74
CA LEU B 326 -1.14 24.24 -11.48
C LEU B 326 0.21 24.95 -11.52
N GLU B 327 0.81 25.19 -10.36
CA GLU B 327 2.21 25.58 -10.21
C GLU B 327 3.10 24.42 -9.75
N ASN B 328 2.53 23.44 -9.08
CA ASN B 328 3.34 22.45 -8.43
C ASN B 328 2.58 21.14 -8.60
N LEU B 329 3.16 20.15 -9.25
CA LEU B 329 2.41 18.93 -9.53
C LEU B 329 3.35 17.76 -9.30
N TYR B 330 3.01 16.93 -8.32
CA TYR B 330 3.92 15.86 -7.90
C TYR B 330 3.28 14.54 -8.34
N LEU B 331 3.76 13.92 -9.41
CA LEU B 331 3.25 12.63 -9.81
C LEU B 331 4.18 11.49 -9.44
N ASP B 332 5.26 11.75 -8.72
CA ASP B 332 6.22 10.68 -8.60
C ASP B 332 5.71 9.43 -7.87
N HIS B 333 6.40 8.31 -8.04
CA HIS B 333 6.02 7.06 -7.39
C HIS B 333 4.57 6.66 -7.70
N ASN B 334 4.32 6.38 -8.96
CA ASN B 334 3.05 5.85 -9.35
C ASN B 334 3.32 4.85 -10.48
N SER B 335 2.33 4.51 -11.30
CA SER B 335 2.58 3.80 -12.53
C SER B 335 2.04 4.60 -13.69
N ILE B 336 2.34 5.87 -13.76
CA ILE B 336 1.70 6.62 -14.81
C ILE B 336 2.37 6.30 -16.17
N VAL B 337 1.53 6.03 -17.14
CA VAL B 337 2.02 5.71 -18.45
C VAL B 337 2.17 6.91 -19.38
N THR B 338 1.22 7.85 -19.41
CA THR B 338 1.36 9.01 -20.27
C THR B 338 0.96 10.27 -19.56
N LEU B 339 1.51 11.42 -19.96
CA LEU B 339 1.08 12.67 -19.36
C LEU B 339 1.11 13.77 -20.40
N LYS B 340 0.20 14.75 -20.36
CA LYS B 340 0.01 15.67 -21.50
C LYS B 340 -0.18 17.10 -20.98
N LEU B 341 0.70 18.05 -21.42
CA LEU B 341 0.65 19.46 -20.93
C LEU B 341 0.61 20.38 -22.12
N SER B 342 -0.18 21.45 -22.08
CA SER B 342 -0.23 22.47 -23.15
C SER B 342 1.04 23.28 -23.10
N THR B 343 1.36 23.91 -24.21
CA THR B 343 2.46 24.86 -24.30
C THR B 343 2.20 26.01 -23.35
N HIS B 344 0.94 26.31 -23.05
CA HIS B 344 0.68 27.44 -22.17
C HIS B 344 0.61 27.10 -20.68
N HIS B 345 1.09 25.94 -20.28
CA HIS B 345 0.91 25.49 -18.90
C HIS B 345 1.72 26.35 -17.96
N THR B 346 1.40 26.33 -16.67
CA THR B 346 1.99 27.23 -15.70
C THR B 346 2.85 26.52 -14.68
N LEU B 347 3.21 25.26 -14.85
CA LEU B 347 3.94 24.55 -13.83
C LEU B 347 5.32 25.13 -13.62
N LYS B 348 5.79 25.25 -12.38
CA LYS B 348 7.17 25.63 -12.11
C LYS B 348 7.86 24.45 -11.42
N ASN B 349 7.05 23.55 -10.88
CA ASN B 349 7.54 22.38 -10.21
C ASN B 349 6.83 21.09 -10.55
N LEU B 350 7.54 20.10 -11.06
CA LEU B 350 6.87 18.93 -11.58
C LEU B 350 7.72 17.76 -11.16
N THR B 351 7.19 16.71 -10.53
CA THR B 351 7.99 15.47 -10.31
C THR B 351 7.44 14.28 -11.09
N LEU B 352 8.32 13.48 -11.69
CA LEU B 352 7.91 12.49 -12.69
C LEU B 352 8.56 11.15 -12.52
N SER B 353 9.52 11.04 -11.62
CA SER B 353 10.30 9.83 -11.52
C SER B 353 9.51 8.72 -10.84
N HIS B 354 10.02 7.49 -10.99
CA HIS B 354 9.38 6.27 -10.52
C HIS B 354 7.95 6.11 -11.04
N ASN B 355 7.77 6.07 -12.36
CA ASN B 355 6.49 5.63 -12.92
C ASN B 355 6.70 4.47 -13.93
N ASP B 356 5.93 4.48 -15.03
CA ASP B 356 6.01 3.47 -16.06
C ASP B 356 5.81 4.12 -17.42
N TRP B 357 6.66 5.06 -17.81
CA TRP B 357 6.40 5.92 -18.96
C TRP B 357 6.45 5.32 -20.33
N ASP B 358 5.60 5.80 -21.22
CA ASP B 358 5.70 5.59 -22.66
C ASP B 358 6.68 6.62 -23.23
N CYS B 359 7.71 6.16 -23.95
CA CYS B 359 8.70 7.04 -24.59
C CYS B 359 8.08 8.12 -25.56
N ASN B 360 7.11 7.74 -26.42
CA ASN B 360 6.45 8.73 -27.23
C ASN B 360 5.80 9.81 -26.36
N SER B 361 5.17 9.42 -25.24
CA SER B 361 4.53 10.41 -24.44
C SER B 361 5.57 11.29 -23.75
N LEU B 362 6.70 10.73 -23.35
CA LEU B 362 7.69 11.55 -22.66
C LEU B 362 8.30 12.57 -23.66
N ARG B 363 8.59 12.11 -24.87
CA ARG B 363 9.18 13.00 -25.80
C ARG B 363 8.26 14.20 -26.12
N ALA B 364 7.01 13.98 -26.42
CA ALA B 364 6.15 15.10 -26.68
C ALA B 364 6.00 16.04 -25.45
N LEU B 365 5.92 15.47 -24.25
CA LEU B 365 5.83 16.27 -23.02
C LEU B 365 6.99 17.25 -22.84
N PHE B 366 8.22 16.75 -23.03
CA PHE B 366 9.45 17.57 -22.86
C PHE B 366 9.63 18.60 -24.02
N ARG B 367 8.66 18.71 -24.91
CA ARG B 367 8.59 19.86 -25.78
C ARG B 367 7.96 21.05 -25.07
N ASN B 368 7.19 20.81 -24.00
CA ASN B 368 6.48 21.89 -23.35
C ASN B 368 6.93 22.16 -21.91
N VAL B 369 7.67 21.27 -21.27
CA VAL B 369 8.19 21.55 -19.93
C VAL B 369 9.58 21.04 -19.99
N ALA B 370 10.55 21.63 -19.29
CA ALA B 370 11.94 21.12 -19.31
C ALA B 370 12.48 21.10 -17.91
N ARG B 371 13.65 20.53 -17.68
CA ARG B 371 14.26 20.77 -16.39
C ARG B 371 14.75 22.24 -16.44
N PRO B 372 14.87 22.92 -15.31
CA PRO B 372 14.71 22.51 -13.91
C PRO B 372 13.25 22.55 -13.41
N ALA B 373 12.27 22.73 -14.29
CA ALA B 373 10.87 22.65 -13.82
C ALA B 373 10.58 21.22 -13.42
N VAL B 374 11.01 20.26 -14.22
CA VAL B 374 11.00 18.89 -13.78
C VAL B 374 12.13 18.66 -12.81
N ASP B 375 11.79 18.25 -11.62
CA ASP B 375 12.59 18.43 -10.44
C ASP B 375 13.29 17.13 -10.07
N ASP B 376 12.98 16.01 -10.74
CA ASP B 376 13.55 14.72 -10.37
C ASP B 376 13.88 13.91 -11.59
N ALA B 377 14.26 12.64 -11.38
CA ALA B 377 14.84 11.79 -12.46
C ALA B 377 15.06 10.32 -12.08
N ASP B 378 15.03 9.45 -13.08
CA ASP B 378 15.37 8.08 -12.84
C ASP B 378 16.86 7.82 -13.01
N GLN B 379 17.28 6.70 -12.46
CA GLN B 379 18.67 6.27 -12.45
C GLN B 379 18.85 5.05 -13.31
N HIS B 380 18.03 4.02 -13.10
CA HIS B 380 18.21 2.74 -13.79
C HIS B 380 16.89 2.21 -14.25
N CYS B 381 16.89 1.52 -15.35
CA CYS B 381 15.67 1.13 -15.95
C CYS B 381 15.65 -0.38 -16.05
N LYS B 382 14.45 -0.95 -15.99
CA LYS B 382 14.23 -2.35 -16.21
C LYS B 382 14.62 -2.68 -17.64
N ILE B 383 14.49 -3.97 -18.00
CA ILE B 383 15.15 -4.58 -19.18
C ILE B 383 14.78 -4.02 -20.62
N ASP B 384 13.52 -3.59 -20.78
CA ASP B 384 13.02 -3.11 -22.05
C ASP B 384 12.80 -1.57 -22.03
N TYR B 385 13.50 -0.89 -21.14
CA TYR B 385 13.23 0.53 -20.87
C TYR B 385 14.55 1.24 -20.94
N GLN B 386 14.56 2.52 -21.21
CA GLN B 386 15.81 3.24 -21.33
C GLN B 386 15.54 4.68 -20.94
N LEU B 387 16.52 5.48 -20.55
CA LEU B 387 16.20 6.87 -20.20
C LEU B 387 15.84 7.76 -21.43
N GLU B 388 14.69 8.44 -21.38
CA GLU B 388 14.54 9.68 -22.15
C GLU B 388 14.41 10.87 -21.21
N HIS B 389 15.01 12.00 -21.54
CA HIS B 389 14.98 13.17 -20.66
C HIS B 389 15.08 12.82 -19.19
N GLY B 390 15.91 11.85 -18.86
CA GLY B 390 16.16 11.55 -17.47
C GLY B 390 15.13 10.67 -16.75
N LEU B 391 14.28 9.94 -17.48
CA LEU B 391 13.26 9.07 -16.85
C LEU B 391 13.08 7.78 -17.65
N CYS B 392 12.89 6.67 -16.96
CA CYS B 392 12.75 5.41 -17.62
C CYS B 392 11.50 5.37 -18.49
N CYS B 393 11.62 4.82 -19.70
CA CYS B 393 10.46 4.67 -20.56
C CYS B 393 10.62 3.48 -21.49
N LYS B 394 9.52 2.82 -21.85
CA LYS B 394 9.54 1.74 -22.85
C LYS B 394 8.89 2.18 -24.18
N GLU B 395 9.46 1.81 -25.33
CA GLU B 395 8.87 2.16 -26.65
C GLU B 395 7.72 1.26 -26.86
N SER B 396 6.60 1.79 -27.29
CA SER B 396 5.46 0.97 -27.61
C SER B 396 4.37 1.74 -28.43
N ASP B 397 3.73 1.05 -29.38
CA ASP B 397 2.72 1.67 -30.24
C ASP B 397 1.46 1.79 -29.46
N LYS B 398 1.24 0.90 -28.51
CA LYS B 398 0.02 0.93 -27.73
C LYS B 398 0.36 0.69 -26.26
N PRO B 399 0.81 1.77 -25.58
CA PRO B 399 1.41 1.63 -24.24
C PRO B 399 0.39 1.00 -23.28
N TYR B 400 -0.84 1.52 -23.22
CA TYR B 400 -1.81 0.95 -22.31
C TYR B 400 -2.07 -0.53 -22.59
N LEU B 401 -2.08 -0.97 -23.85
CA LEU B 401 -2.33 -2.39 -24.10
C LEU B 401 -1.14 -3.16 -23.56
N ASP B 402 0.01 -2.60 -23.79
CA ASP B 402 1.21 -3.19 -23.35
C ASP B 402 1.29 -3.40 -21.85
N ARG B 403 0.78 -2.42 -21.08
CA ARG B 403 0.91 -2.44 -19.66
C ARG B 403 -0.10 -3.45 -19.19
N LEU B 404 -1.24 -3.52 -19.87
CA LEU B 404 -2.29 -4.50 -19.52
C LEU B 404 -1.76 -5.93 -19.76
N LEU B 405 -1.01 -6.15 -20.84
CA LEU B 405 -0.43 -7.45 -21.06
C LEU B 405 0.65 -7.77 -20.01
N GLN B 406 1.56 -6.82 -19.76
CA GLN B 406 2.66 -7.00 -18.80
C GLN B 406 2.09 -7.48 -17.48
N TYR B 407 1.01 -6.84 -17.08
CA TYR B 407 0.43 -7.09 -15.80
C TYR B 407 -0.10 -8.49 -15.87
N ILE B 408 -0.88 -8.84 -16.90
CA ILE B 408 -1.55 -10.15 -16.96
C ILE B 408 -0.54 -11.32 -16.94
N ALA B 409 0.53 -11.22 -17.74
CA ALA B 409 1.65 -12.12 -17.65
C ALA B 409 2.22 -12.30 -16.23
N LEU B 410 2.29 -11.26 -15.37
CA LEU B 410 2.73 -11.48 -13.97
C LEU B 410 1.72 -12.24 -13.15
N THR B 411 0.45 -11.97 -13.34
CA THR B 411 -0.53 -12.68 -12.57
C THR B 411 -0.81 -14.10 -13.06
N SER B 412 -0.61 -14.41 -14.34
CA SER B 412 -1.01 -15.74 -14.80
C SER B 412 -0.04 -16.83 -14.28
N VAL B 413 1.16 -16.43 -13.83
CA VAL B 413 2.08 -17.38 -13.18
C VAL B 413 1.44 -17.97 -11.92
N VAL B 414 0.60 -17.14 -11.30
CA VAL B 414 -0.16 -17.50 -10.13
C VAL B 414 -1.46 -18.20 -10.47
N GLU B 415 -2.06 -17.91 -11.63
CA GLU B 415 -3.37 -18.53 -11.91
C GLU B 415 -3.20 -19.97 -12.45
N LYS B 416 -2.05 -20.26 -13.05
CA LYS B 416 -1.60 -21.62 -13.35
C LYS B 416 -1.40 -22.41 -12.07
N VAL B 417 -1.77 -21.82 -10.93
CA VAL B 417 -1.68 -22.44 -9.60
C VAL B 417 -2.83 -21.97 -8.67
N LEU B 454 -15.76 -60.06 -5.36
CA LEU B 454 -15.33 -58.95 -4.50
C LEU B 454 -14.83 -57.67 -5.28
N GLU B 455 -15.79 -56.78 -5.59
CA GLU B 455 -15.53 -55.39 -5.88
C GLU B 455 -15.60 -54.68 -4.51
N ALA B 456 -15.20 -55.40 -3.47
CA ALA B 456 -15.21 -54.86 -2.12
C ALA B 456 -13.98 -53.99 -2.01
N GLU B 457 -12.98 -54.28 -2.83
CA GLU B 457 -11.81 -53.45 -2.85
C GLU B 457 -12.14 -52.09 -3.44
N VAL B 458 -13.12 -52.06 -4.35
CA VAL B 458 -13.52 -50.80 -4.98
C VAL B 458 -14.42 -50.02 -4.02
N ASN B 459 -15.14 -50.71 -3.16
CA ASN B 459 -16.04 -50.01 -2.24
C ASN B 459 -15.31 -49.46 -1.02
N GLU B 460 -14.22 -50.13 -0.65
CA GLU B 460 -13.37 -49.73 0.46
C GLU B 460 -12.60 -48.47 0.01
N LEU B 461 -12.12 -48.49 -1.23
CA LEU B 461 -11.48 -47.35 -1.84
C LEU B 461 -12.43 -46.17 -2.02
N ARG B 462 -13.64 -46.35 -2.53
CA ARG B 462 -14.49 -45.17 -2.62
C ARG B 462 -14.67 -44.54 -1.25
N ALA B 463 -14.62 -45.36 -0.20
CA ALA B 463 -14.81 -44.89 1.16
C ALA B 463 -13.57 -44.13 1.55
N GLU B 464 -12.42 -44.76 1.32
CA GLU B 464 -11.17 -44.14 1.70
C GLU B 464 -11.08 -42.75 1.04
N VAL B 465 -11.48 -42.64 -0.21
CA VAL B 465 -11.30 -41.44 -0.96
C VAL B 465 -12.26 -40.38 -0.40
N GLN B 466 -13.45 -40.78 0.06
CA GLN B 466 -14.43 -39.82 0.61
C GLN B 466 -14.01 -39.33 1.96
N GLN B 467 -13.39 -40.20 2.75
CA GLN B 467 -12.95 -39.80 4.06
C GLN B 467 -11.75 -38.81 3.92
N LEU B 468 -10.89 -39.04 2.93
CA LEU B 468 -9.76 -38.15 2.70
C LEU B 468 -10.26 -36.82 2.12
N THR B 469 -11.20 -36.88 1.18
CA THR B 469 -11.74 -35.66 0.62
C THR B 469 -12.35 -34.80 1.74
N ASN B 470 -12.87 -35.43 2.79
CA ASN B 470 -13.48 -34.67 3.86
C ASN B 470 -12.42 -34.07 4.74
N GLU B 471 -11.40 -34.84 5.12
CA GLU B 471 -10.26 -34.29 5.87
C GLU B 471 -9.65 -33.13 5.14
N GLN B 472 -9.58 -33.19 3.81
CA GLN B 472 -9.00 -32.08 3.11
C GLN B 472 -9.93 -30.85 3.09
N ILE B 473 -11.23 -31.02 2.89
CA ILE B 473 -12.10 -29.87 3.02
C ILE B 473 -11.99 -29.25 4.42
N GLN B 474 -12.09 -30.07 5.46
CA GLN B 474 -11.99 -29.60 6.85
C GLN B 474 -10.71 -28.84 7.07
N GLN B 475 -9.59 -29.33 6.53
CA GLN B 475 -8.34 -28.62 6.71
C GLN B 475 -8.46 -27.19 6.16
N GLU B 476 -9.10 -26.97 5.02
CA GLU B 476 -9.20 -25.60 4.45
C GLU B 476 -10.11 -24.71 5.30
N GLN B 477 -11.22 -25.28 5.77
CA GLN B 477 -12.21 -24.54 6.55
C GLN B 477 -11.59 -24.08 7.85
N LEU B 478 -10.89 -25.00 8.51
CA LEU B 478 -10.30 -24.78 9.82
C LEU B 478 -9.31 -23.61 9.78
N LEU B 479 -8.57 -23.47 8.66
CA LEU B 479 -7.57 -22.41 8.60
C LEU B 479 -8.03 -21.26 7.75
N GLN B 480 -9.29 -21.30 7.30
CA GLN B 480 -9.82 -20.24 6.45
C GLN B 480 -9.72 -18.84 7.08
N GLY B 481 -10.54 -18.61 8.10
CA GLY B 481 -10.62 -17.31 8.73
C GLY B 481 -9.25 -16.72 8.95
N LEU B 482 -8.21 -17.57 9.05
CA LEU B 482 -6.82 -17.14 9.23
C LEU B 482 -6.21 -16.59 7.94
N HIS B 483 -6.34 -17.33 6.86
CA HIS B 483 -5.90 -16.84 5.57
C HIS B 483 -6.61 -15.51 5.19
N ALA B 484 -7.88 -15.36 5.50
CA ALA B 484 -8.52 -14.08 5.28
C ALA B 484 -7.69 -12.95 6.00
N GLU B 485 -7.45 -13.16 7.29
CA GLU B 485 -6.76 -12.20 8.13
C GLU B 485 -5.30 -11.95 7.70
N ILE B 486 -4.61 -12.94 7.16
CA ILE B 486 -3.28 -12.67 6.67
C ILE B 486 -3.35 -11.71 5.51
N ASP B 487 -4.38 -11.86 4.67
CA ASP B 487 -4.49 -11.01 3.47
C ASP B 487 -4.88 -9.58 3.89
N THR B 488 -5.81 -9.44 4.82
CA THR B 488 -6.15 -8.16 5.45
C THR B 488 -4.95 -7.44 6.02
N ASN B 489 -4.01 -8.14 6.65
CA ASN B 489 -2.81 -7.52 7.19
C ASN B 489 -1.79 -7.21 6.10
N LEU B 490 -1.74 -7.92 5.01
CA LEU B 490 -0.81 -7.48 3.98
C LEU B 490 -1.39 -6.22 3.27
N ARG B 491 -2.70 -6.15 3.17
CA ARG B 491 -3.29 -5.00 2.54
C ARG B 491 -3.08 -3.82 3.46
N ARG B 492 -3.33 -4.03 4.77
CA ARG B 492 -3.23 -2.97 5.73
C ARG B 492 -1.86 -2.31 5.75
N TYR B 493 -0.78 -3.08 5.64
CA TYR B 493 0.57 -2.54 5.78
C TYR B 493 1.18 -2.35 4.42
N ARG B 494 0.38 -2.41 3.40
CA ARG B 494 0.87 -2.18 2.04
C ARG B 494 2.02 -3.07 1.64
N LEU B 495 2.01 -4.31 2.11
CA LEU B 495 3.01 -5.28 1.74
C LEU B 495 2.62 -5.96 0.41
N PRO B 496 3.61 -6.33 -0.39
CA PRO B 496 3.19 -6.97 -1.63
C PRO B 496 3.10 -8.46 -1.37
N LYS B 497 2.06 -9.13 -1.84
CA LYS B 497 1.84 -10.56 -1.49
C LYS B 497 2.27 -11.53 -2.60
N ASP B 498 3.19 -12.42 -2.27
CA ASP B 498 3.73 -13.38 -3.23
C ASP B 498 2.78 -14.61 -3.30
N GLY B 499 1.94 -14.65 -4.32
CA GLY B 499 0.87 -15.65 -4.42
C GLY B 499 1.42 -17.06 -4.61
N LEU B 500 2.72 -17.09 -4.88
CA LEU B 500 3.52 -18.30 -4.77
C LEU B 500 3.80 -18.70 -3.30
N ALA B 501 4.49 -17.84 -2.56
CA ALA B 501 5.06 -18.19 -1.25
C ALA B 501 4.08 -19.00 -0.35
N ARG B 502 4.64 -19.93 0.44
CA ARG B 502 3.85 -20.71 1.40
C ARG B 502 3.26 -19.79 2.50
N SER B 503 2.11 -20.12 3.06
CA SER B 503 1.44 -19.24 3.98
C SER B 503 2.29 -18.70 5.14
N SER B 504 3.19 -19.50 5.72
CA SER B 504 3.93 -18.97 6.86
C SER B 504 4.90 -17.86 6.40
N ASP B 505 5.09 -17.71 5.11
CA ASP B 505 5.98 -16.71 4.60
C ASP B 505 5.27 -15.35 4.51
N ASN B 506 3.98 -15.39 4.21
CA ASN B 506 3.20 -14.17 4.19
C ASN B 506 3.00 -13.72 5.59
N LEU B 507 2.85 -14.65 6.52
CA LEU B 507 2.62 -14.32 7.91
C LEU B 507 3.88 -13.68 8.49
N ASN B 508 5.03 -14.17 8.02
CA ASN B 508 6.31 -13.59 8.38
C ASN B 508 6.48 -12.26 7.70
N LYS B 509 5.77 -12.00 6.61
CA LYS B 509 6.03 -10.75 5.92
C LYS B 509 5.44 -9.66 6.82
N VAL B 510 4.25 -9.92 7.39
CA VAL B 510 3.62 -9.01 8.29
C VAL B 510 4.49 -8.85 9.53
N PHE B 511 4.92 -9.94 10.17
CA PHE B 511 5.69 -9.77 11.40
C PHE B 511 7.03 -9.05 11.15
N THR B 512 7.68 -9.34 10.04
CA THR B 512 8.98 -8.75 9.80
C THR B 512 8.73 -7.26 9.62
N HIS B 513 7.69 -6.93 8.86
CA HIS B 513 7.32 -5.50 8.69
C HIS B 513 7.09 -4.80 10.07
N LEU B 514 6.25 -5.38 10.94
CA LEU B 514 5.97 -4.75 12.21
C LEU B 514 7.22 -4.55 13.06
N LYS B 515 8.13 -5.54 13.08
CA LYS B 515 9.32 -5.52 13.91
C LYS B 515 10.34 -4.48 13.45
N GLU B 516 10.48 -4.38 12.13
CA GLU B 516 11.29 -3.35 11.53
C GLU B 516 10.71 -2.01 11.89
N ARG B 517 9.39 -1.87 11.78
CA ARG B 517 8.76 -0.60 12.02
C ARG B 517 8.94 -0.20 13.45
N GLN B 518 8.65 -1.05 14.42
CA GLN B 518 9.03 -0.80 15.80
C GLN B 518 10.51 -0.36 15.96
N ALA B 519 11.44 -0.99 15.30
CA ALA B 519 12.84 -0.70 15.56
C ALA B 519 13.27 0.67 15.07
N PHE B 520 12.69 1.03 13.96
CA PHE B 520 13.04 2.24 13.31
C PHE B 520 12.37 3.36 14.08
N LYS B 521 11.15 3.14 14.55
CA LYS B 521 10.57 4.15 15.37
C LYS B 521 11.32 4.32 16.67
N LEU B 522 11.78 3.25 17.26
CA LEU B 522 12.48 3.37 18.51
C LEU B 522 13.81 4.14 18.31
N ARG B 523 14.51 3.85 17.24
CA ARG B 523 15.82 4.46 17.05
C ARG B 523 15.61 5.95 16.86
N GLU B 524 14.60 6.30 16.04
CA GLU B 524 14.19 7.66 15.85
C GLU B 524 13.88 8.42 17.16
N THR B 525 13.18 7.78 18.10
CA THR B 525 12.87 8.42 19.36
C THR B 525 14.11 8.61 20.22
N GLN B 526 14.94 7.59 20.26
CA GLN B 526 16.19 7.67 20.95
C GLN B 526 16.93 8.90 20.43
N ALA B 527 16.91 9.11 19.13
CA ALA B 527 17.61 10.24 18.55
C ALA B 527 16.99 11.53 19.07
N ARG B 528 15.67 11.62 19.11
CA ARG B 528 15.02 12.82 19.57
C ARG B 528 15.37 13.06 21.01
N ARG B 529 15.50 12.02 21.81
CA ARG B 529 15.76 12.17 23.20
C ARG B 529 17.18 12.64 23.41
N THR B 530 18.11 12.03 22.66
CA THR B 530 19.49 12.44 22.66
C THR B 530 19.52 13.91 22.33
N GLU B 531 18.76 14.38 21.32
CA GLU B 531 18.68 15.81 21.03
C GLU B 531 18.11 16.74 22.18
N ALA B 532 17.08 16.32 22.90
CA ALA B 532 16.55 17.10 23.99
C ALA B 532 17.58 17.24 25.09
N ASP B 533 18.13 16.11 25.54
CA ASP B 533 19.21 16.08 26.54
C ASP B 533 20.36 16.99 26.12
N ALA B 534 20.75 16.95 24.86
CA ALA B 534 21.86 17.76 24.45
C ALA B 534 21.48 19.21 24.58
N LYS B 535 20.24 19.56 24.26
CA LYS B 535 19.84 20.94 24.28
C LYS B 535 19.62 21.37 25.72
N GLN B 536 19.23 20.50 26.62
CA GLN B 536 19.17 20.91 28.01
C GLN B 536 20.61 21.16 28.50
N LYS B 537 21.50 20.24 28.21
CA LYS B 537 22.93 20.49 28.46
C LYS B 537 23.31 21.94 28.06
N GLU B 538 23.00 22.34 26.83
CA GLU B 538 23.46 23.61 26.32
C GLU B 538 22.92 24.69 27.21
N THR B 539 21.71 24.52 27.73
CA THR B 539 21.14 25.62 28.51
C THR B 539 21.71 25.68 29.89
N GLU B 540 22.29 24.58 30.33
CA GLU B 540 22.88 24.49 31.63
C GLU B 540 24.23 25.16 31.53
N ASP B 541 24.98 24.86 30.48
CA ASP B 541 26.23 25.57 30.19
C ASP B 541 26.05 27.08 29.98
N LEU B 542 24.92 27.49 29.44
CA LEU B 542 24.75 28.87 29.10
C LEU B 542 24.52 29.64 30.40
N GLU B 543 23.79 29.03 31.31
CA GLU B 543 23.42 29.67 32.52
C GLU B 543 24.65 29.76 33.41
N GLN B 544 25.60 28.85 33.24
CA GLN B 544 26.82 28.87 34.05
C GLN B 544 27.70 30.02 33.58
N GLU B 545 27.72 30.18 32.27
CA GLU B 545 28.51 31.20 31.62
C GLU B 545 27.88 32.57 31.85
N ASN B 546 26.58 32.62 32.12
CA ASN B 546 25.93 33.87 32.51
C ASN B 546 26.21 34.19 33.96
N ILE B 547 26.53 33.20 34.77
CA ILE B 547 26.78 33.50 36.17
C ILE B 547 28.16 34.09 36.17
N ALA B 548 28.99 33.67 35.23
CA ALA B 548 30.38 34.07 35.28
C ALA B 548 30.50 35.47 34.71
N LEU B 549 29.62 35.78 33.77
CA LEU B 549 29.55 37.12 33.22
C LEU B 549 28.97 38.04 34.25
N GLU B 550 28.14 37.53 35.12
CA GLU B 550 27.62 38.38 36.15
C GLU B 550 28.62 38.59 37.29
N LYS B 551 29.47 37.61 37.59
CA LYS B 551 30.47 37.80 38.60
C LYS B 551 31.44 38.82 38.08
N GLN B 552 31.73 38.78 36.79
CA GLN B 552 32.60 39.78 36.21
C GLN B 552 32.03 41.21 36.31
N LEU B 553 30.73 41.35 36.13
CA LEU B 553 30.08 42.62 36.27
C LEU B 553 30.18 43.08 37.71
N ASP B 554 30.18 42.11 38.59
CA ASP B 554 30.27 42.39 40.01
C ASP B 554 31.67 42.91 40.38
N ASN B 555 32.71 42.25 39.88
CA ASN B 555 34.06 42.69 40.14
C ASN B 555 34.22 44.09 39.59
N LYS B 556 33.74 44.37 38.39
CA LYS B 556 33.99 45.65 37.77
C LYS B 556 33.32 46.78 38.54
N ARG B 557 32.18 46.53 39.16
CA ARG B 557 31.59 47.55 40.00
C ARG B 557 32.45 47.84 41.25
N ALA B 558 32.90 46.80 41.93
CA ALA B 558 33.86 47.00 42.98
C ALA B 558 35.10 47.81 42.52
N LYS B 559 35.60 47.58 41.32
CA LYS B 559 36.76 48.31 40.86
C LYS B 559 36.37 49.75 40.60
N GLN B 560 35.15 49.95 40.15
CA GLN B 560 34.70 51.31 39.92
C GLN B 560 34.57 52.06 41.24
N ALA B 561 34.20 51.39 42.32
CA ALA B 561 34.02 52.14 43.53
C ALA B 561 35.38 52.54 44.03
N GLU B 562 36.32 51.62 43.98
CA GLU B 562 37.66 51.88 44.46
C GLU B 562 38.27 53.10 43.74
N LEU B 563 38.10 53.15 42.43
CA LEU B 563 38.73 54.13 41.58
C LEU B 563 38.12 55.50 41.87
N ARG B 564 36.83 55.49 42.15
CA ARG B 564 36.10 56.69 42.48
C ARG B 564 36.56 57.24 43.87
N GLN B 565 36.96 56.35 44.77
CA GLN B 565 37.47 56.80 46.03
C GLN B 565 38.88 57.39 45.85
N GLU B 566 39.69 56.72 45.04
CA GLU B 566 41.04 57.14 44.72
C GLU B 566 40.99 58.45 43.95
N THR B 567 39.93 58.70 43.19
CA THR B 567 39.84 59.93 42.44
C THR B 567 39.56 61.09 43.37
N SER B 568 38.71 60.91 44.36
CA SER B 568 38.38 62.04 45.17
C SER B 568 39.63 62.37 46.00
N LEU B 569 40.36 61.33 46.38
CA LEU B 569 41.50 61.45 47.27
C LEU B 569 42.61 62.21 46.59
N LYS B 570 42.61 62.21 45.26
CA LYS B 570 43.59 62.92 44.47
C LYS B 570 43.10 64.32 44.23
N ARG B 571 41.77 64.46 44.14
CA ARG B 571 41.13 65.74 43.84
C ARG B 571 41.44 66.62 45.04
N GLN B 572 41.46 65.97 46.21
CA GLN B 572 41.77 66.58 47.48
C GLN B 572 43.25 67.01 47.53
N LYS B 573 44.15 66.06 47.31
CA LYS B 573 45.57 66.34 47.26
C LYS B 573 45.87 67.52 46.30
N VAL B 574 45.22 67.58 45.14
CA VAL B 574 45.50 68.64 44.18
C VAL B 574 44.90 69.97 44.60
N LYS B 575 43.83 69.94 45.37
CA LYS B 575 43.27 71.18 45.90
C LYS B 575 44.27 71.69 46.94
N GLN B 576 44.76 70.81 47.82
CA GLN B 576 45.75 71.20 48.82
C GLN B 576 47.01 71.79 48.15
N LEU B 577 47.49 71.20 47.05
CA LEU B 577 48.70 71.72 46.42
C LEU B 577 48.44 73.08 45.82
N GLU B 578 47.17 73.45 45.63
CA GLU B 578 46.91 74.74 44.99
C GLU B 578 46.85 75.90 46.00
N ALA B 579 46.34 75.61 47.20
CA ALA B 579 46.31 76.60 48.29
C ALA B 579 47.73 76.91 48.72
N LYS B 580 48.59 75.90 48.67
CA LYS B 580 49.97 75.97 49.10
C LYS B 580 50.71 76.64 47.95
N LYS B 581 49.96 77.17 47.01
CA LYS B 581 50.53 77.97 45.93
C LYS B 581 49.68 79.24 45.80
N ASN B 582 48.84 79.49 46.80
CA ASN B 582 48.01 80.71 46.92
C ASN B 582 47.40 81.17 45.58
#